data_8Z29
#
_entry.id   8Z29
#
_cell.length_a   157.550
_cell.length_b   157.550
_cell.length_c   106.280
_cell.angle_alpha   90.00
_cell.angle_beta   90.00
_cell.angle_gamma   120.00
#
_symmetry.space_group_name_H-M   'P 63'
#
loop_
_entity.id
_entity.type
_entity.pdbx_description
1 polymer 'Glutamate dehydrogenase'
2 non-polymer 'CHLORIDE ION'
3 water water
#
_entity_poly.entity_id   1
_entity_poly.type   'polypeptide(L)'
_entity_poly.pdbx_seq_one_letter_code
;MSNLPVEPEFEQAYKELASTLENSTLFQKNPEYRKALAVVSVPERVIQFRVVWENDKGEVQVNRGFRVQFNSALGPYKGG
LRFHPSVNLSILKFLGFEQIFKNALTGLNMGGGKGGSDFDPKGKSDSEIRRFCVAFMTELCRHIGADTDVPAGDIGVTGR
EIGYLFGQYRKLRNSWEGVLTGKGGSWGGSLIRPEATGYGVVYYVEHMIAHATNGAESFAGKRVAISGSGNVAQYAALKV
IELGGRVVSLSDSQGSLIVKDKDSFTPAEIDAIAALKVDRKQIAELVTDAAFADKFTYLPGQRPWVHVGAVDVALPSATQ
NEVSGEEAQALIAAGCKFIAEGSNMGCTQAAIDAFEAHREANKGAAAIWYAPGKAANAGGVAVSGLEMAQNSARLSWTAE
EVDARLKDIMKSCFQNGLDTAKEYATPADGILPSLVTGSNIAGFTKVAAAMKDQGDWW
;
_entity_poly.pdbx_strand_id   A,B
#
loop_
_chem_comp.id
_chem_comp.type
_chem_comp.name
_chem_comp.formula
CL non-polymer 'CHLORIDE ION' 'Cl -1'
#
# COMPACT_ATOMS: atom_id res chain seq x y z
N SER A 2 -2.63 14.49 7.46
CA SER A 2 -4.07 14.83 7.24
C SER A 2 -4.61 14.11 6.02
N ASN A 3 -3.77 14.07 4.96
CA ASN A 3 -4.04 13.44 3.67
C ASN A 3 -4.04 11.92 3.82
N LEU A 4 -3.46 11.42 4.91
CA LEU A 4 -3.23 10.00 5.07
C LEU A 4 -4.57 9.29 5.17
N PRO A 5 -4.67 8.05 4.61
CA PRO A 5 -5.84 7.19 4.81
C PRO A 5 -6.01 6.86 6.30
N VAL A 6 -7.25 6.55 6.71
CA VAL A 6 -7.49 6.12 8.07
C VAL A 6 -7.24 4.62 8.10
N GLU A 7 -6.36 4.18 9.01
CA GLU A 7 -6.01 2.78 9.15
C GLU A 7 -6.15 2.41 10.61
N PRO A 8 -7.39 2.18 11.10
CA PRO A 8 -7.63 2.11 12.55
C PRO A 8 -6.82 1.08 13.32
N GLU A 9 -6.63 -0.10 12.74
CA GLU A 9 -5.84 -1.16 13.36
C GLU A 9 -4.40 -0.68 13.57
N PHE A 10 -3.84 -0.03 12.55
CA PHE A 10 -2.44 0.38 12.61
C PHE A 10 -2.28 1.42 13.70
N GLU A 11 -3.03 2.51 13.64
CA GLU A 11 -2.79 3.62 14.55
C GLU A 11 -3.32 3.30 15.94
N GLN A 12 -4.18 2.27 16.08
CA GLN A 12 -4.56 1.80 17.40
C GLN A 12 -3.36 1.14 18.10
N ALA A 13 -2.17 1.16 17.47
CA ALA A 13 -1.02 0.37 17.91
C ALA A 13 0.26 1.21 17.89
N TYR A 14 0.36 2.12 16.90
CA TYR A 14 1.26 3.26 16.98
C TYR A 14 1.05 4.01 18.29
N LYS A 15 -0.22 4.33 18.57
CA LYS A 15 -0.65 4.99 19.80
C LYS A 15 -0.23 4.16 21.01
N GLU A 16 -0.57 2.85 20.99
CA GLU A 16 -0.33 1.97 22.12
C GLU A 16 1.15 2.03 22.51
N LEU A 17 2.05 2.08 21.49
CA LEU A 17 3.48 2.03 21.69
C LEU A 17 3.97 3.38 22.18
N ALA A 18 3.62 4.46 21.46
CA ALA A 18 3.89 5.82 21.91
C ALA A 18 3.53 5.98 23.40
N SER A 19 2.31 5.56 23.79
CA SER A 19 1.83 5.62 25.17
C SER A 19 2.86 5.06 26.16
N THR A 20 3.29 3.80 25.87
CA THR A 20 4.23 3.04 26.70
C THR A 20 5.53 3.82 26.83
N LEU A 21 6.06 4.29 25.68
CA LEU A 21 7.41 4.86 25.56
C LEU A 21 7.50 6.18 26.31
N GLU A 22 6.49 7.03 26.11
CA GLU A 22 6.29 8.29 26.80
C GLU A 22 6.31 8.04 28.30
N ASN A 23 5.38 7.18 28.76
CA ASN A 23 5.15 6.90 30.18
C ASN A 23 6.42 6.36 30.83
N SER A 24 7.21 5.57 30.07
CA SER A 24 8.51 5.11 30.55
C SER A 24 9.44 6.32 30.76
N THR A 25 10.72 6.06 31.07
CA THR A 25 11.69 7.13 31.28
C THR A 25 12.59 7.30 30.05
N LEU A 26 12.20 6.67 28.94
CA LEU A 26 13.01 6.62 27.74
C LEU A 26 13.18 8.00 27.12
N PHE A 27 12.09 8.75 26.93
CA PHE A 27 12.15 10.01 26.18
C PHE A 27 12.54 11.15 27.12
N GLN A 28 13.64 10.95 27.84
CA GLN A 28 14.10 11.79 28.93
C GLN A 28 15.58 11.48 29.14
N LYS A 29 15.92 10.20 29.12
CA LYS A 29 17.29 9.77 28.86
C LYS A 29 17.61 9.98 27.38
N ASN A 30 16.64 9.65 26.53
CA ASN A 30 16.83 9.59 25.10
C ASN A 30 15.72 10.34 24.35
N PRO A 31 15.62 11.68 24.50
CA PRO A 31 14.64 12.50 23.75
C PRO A 31 14.56 12.13 22.27
N GLU A 32 15.75 11.90 21.69
CA GLU A 32 15.95 11.89 20.25
C GLU A 32 15.38 10.64 19.61
N TYR A 33 15.04 9.63 20.43
CA TYR A 33 14.39 8.40 19.97
C TYR A 33 12.95 8.64 19.51
N ARG A 34 12.37 9.81 19.81
CA ARG A 34 11.12 10.26 19.20
C ARG A 34 11.23 10.32 17.66
N LYS A 35 12.40 10.69 17.16
CA LYS A 35 12.64 10.77 15.72
C LYS A 35 12.59 9.35 15.12
N ALA A 36 12.90 8.33 15.92
CA ALA A 36 12.94 6.95 15.46
C ALA A 36 11.52 6.42 15.26
N LEU A 37 10.64 6.73 16.21
CA LEU A 37 9.23 6.37 16.16
C LEU A 37 8.52 7.04 14.98
N ALA A 38 9.02 8.20 14.56
CA ALA A 38 8.50 8.85 13.37
C ALA A 38 8.77 7.99 12.13
N VAL A 39 9.96 7.38 12.06
CA VAL A 39 10.45 6.84 10.80
C VAL A 39 10.21 5.34 10.78
N VAL A 40 10.24 4.68 11.95
CA VAL A 40 9.99 3.23 12.08
C VAL A 40 8.56 2.94 11.64
N SER A 41 7.70 3.94 11.86
CA SER A 41 6.25 3.80 11.83
C SER A 41 5.68 3.96 10.42
N VAL A 42 6.53 4.34 9.45
CA VAL A 42 6.22 4.28 8.03
C VAL A 42 7.01 3.11 7.42
N PRO A 43 6.33 2.10 6.81
CA PRO A 43 7.02 0.93 6.23
C PRO A 43 8.14 1.22 5.23
N GLU A 44 9.25 0.47 5.30
CA GLU A 44 10.33 0.64 4.34
C GLU A 44 9.80 0.41 2.92
N ARG A 45 9.02 -0.64 2.77
CA ARG A 45 8.41 -0.93 1.50
C ARG A 45 7.13 -1.68 1.79
N VAL A 46 6.10 -1.38 0.99
CA VAL A 46 4.85 -2.13 0.90
C VAL A 46 4.64 -2.52 -0.58
N ILE A 47 4.32 -3.78 -0.85
CA ILE A 47 3.85 -4.17 -2.17
C ILE A 47 2.41 -4.67 -2.01
N GLN A 48 1.52 -4.19 -2.92
CA GLN A 48 0.21 -4.75 -3.21
C GLN A 48 0.09 -5.06 -4.71
N PHE A 49 -0.47 -6.22 -5.07
CA PHE A 49 -0.49 -6.70 -6.44
C PHE A 49 -1.78 -7.47 -6.73
N ARG A 50 -2.30 -7.32 -7.95
CA ARG A 50 -3.52 -7.98 -8.38
C ARG A 50 -3.26 -9.49 -8.45
N VAL A 51 -4.26 -10.31 -8.11
CA VAL A 51 -4.06 -11.75 -8.08
C VAL A 51 -5.16 -12.42 -8.89
N VAL A 52 -4.83 -12.77 -10.14
CA VAL A 52 -5.76 -13.48 -10.99
C VAL A 52 -5.44 -14.99 -10.92
N TRP A 53 -6.46 -15.74 -10.51
CA TRP A 53 -6.42 -17.20 -10.49
C TRP A 53 -7.75 -17.76 -11.04
N GLU A 54 -7.74 -19.05 -11.41
CA GLU A 54 -8.87 -19.74 -12.02
C GLU A 54 -9.50 -20.76 -11.05
N ASN A 55 -10.84 -20.81 -10.99
CA ASN A 55 -11.53 -21.78 -10.14
C ASN A 55 -11.83 -23.07 -10.91
N ASP A 56 -12.43 -24.05 -10.22
CA ASP A 56 -12.66 -25.38 -10.80
C ASP A 56 -13.71 -25.33 -11.94
N LYS A 57 -14.52 -24.26 -12.03
CA LYS A 57 -15.45 -24.05 -13.14
C LYS A 57 -14.74 -23.35 -14.30
N GLY A 58 -13.50 -22.92 -14.07
CA GLY A 58 -12.69 -22.33 -15.13
C GLY A 58 -12.90 -20.82 -15.28
N GLU A 59 -13.32 -20.14 -14.21
CA GLU A 59 -13.68 -18.73 -14.24
C GLU A 59 -12.54 -17.88 -13.64
N VAL A 60 -12.16 -16.80 -14.34
CA VAL A 60 -11.40 -15.68 -13.79
C VAL A 60 -11.88 -15.31 -12.40
N GLN A 61 -10.93 -15.29 -11.44
CA GLN A 61 -11.13 -14.76 -10.10
C GLN A 61 -10.08 -13.68 -9.86
N VAL A 62 -10.39 -12.73 -8.97
CA VAL A 62 -9.56 -11.56 -8.70
C VAL A 62 -9.58 -11.27 -7.19
N ASN A 63 -8.39 -11.32 -6.59
CA ASN A 63 -8.20 -10.88 -5.21
C ASN A 63 -7.00 -9.93 -5.13
N ARG A 64 -6.74 -9.37 -3.96
CA ARG A 64 -5.58 -8.52 -3.76
C ARG A 64 -4.55 -9.24 -2.89
N GLY A 65 -3.30 -9.25 -3.34
CA GLY A 65 -2.16 -9.67 -2.55
C GLY A 65 -1.40 -8.47 -1.98
N PHE A 66 -0.78 -8.66 -0.81
CA PHE A 66 -0.09 -7.60 -0.09
C PHE A 66 1.16 -8.22 0.53
N ARG A 67 2.27 -7.48 0.57
CA ARG A 67 3.45 -7.80 1.38
C ARG A 67 4.01 -6.50 1.98
N VAL A 68 3.75 -6.30 3.29
CA VAL A 68 4.27 -5.15 4.01
C VAL A 68 5.66 -5.55 4.49
N GLN A 69 6.67 -4.79 4.05
CA GLN A 69 8.04 -5.01 4.45
C GLN A 69 8.48 -3.86 5.36
N PHE A 70 8.30 -4.06 6.67
CA PHE A 70 8.17 -2.95 7.59
C PHE A 70 9.54 -2.49 8.06
N ASN A 71 10.36 -3.43 8.58
CA ASN A 71 11.67 -3.09 9.10
C ASN A 71 12.67 -4.20 8.76
N SER A 72 13.89 -3.80 8.39
CA SER A 72 14.98 -4.74 8.11
C SER A 72 16.29 -4.36 8.84
N ALA A 73 16.20 -3.52 9.89
CA ALA A 73 17.36 -3.06 10.65
C ALA A 73 18.14 -4.20 11.31
N LEU A 74 17.41 -5.18 11.92
CA LEU A 74 18.01 -6.28 12.66
C LEU A 74 18.07 -7.58 11.85
N GLY A 75 17.47 -7.59 10.65
CA GLY A 75 17.47 -8.79 9.82
C GLY A 75 16.48 -8.75 8.64
N PRO A 76 16.45 -9.83 7.83
CA PRO A 76 15.51 -9.90 6.71
C PRO A 76 14.07 -9.71 7.19
N TYR A 77 13.23 -9.17 6.31
CA TYR A 77 11.82 -9.05 6.62
C TYR A 77 11.39 -10.43 7.11
N LYS A 78 10.60 -10.48 8.18
CA LYS A 78 10.16 -11.74 8.75
C LYS A 78 8.72 -11.55 9.20
N GLY A 79 7.86 -12.51 8.88
CA GLY A 79 6.43 -12.23 8.95
C GLY A 79 5.59 -13.48 8.70
N GLY A 80 4.44 -13.28 8.10
CA GLY A 80 3.53 -14.38 7.81
C GLY A 80 2.58 -13.98 6.70
N LEU A 81 1.98 -14.97 6.04
CA LEU A 81 0.94 -14.71 5.09
C LEU A 81 -0.39 -15.11 5.74
N ARG A 82 -1.41 -14.26 5.56
CA ARG A 82 -2.76 -14.54 6.01
C ARG A 82 -3.70 -14.47 4.82
N PHE A 83 -4.48 -15.54 4.62
CA PHE A 83 -5.54 -15.52 3.64
C PHE A 83 -6.87 -15.46 4.38
N HIS A 84 -7.45 -14.27 4.45
CA HIS A 84 -8.72 -14.04 5.11
C HIS A 84 -9.36 -12.82 4.46
N PRO A 85 -10.70 -12.83 4.22
CA PRO A 85 -11.37 -11.80 3.39
C PRO A 85 -11.55 -10.47 4.10
N SER A 86 -11.14 -10.44 5.39
CA SER A 86 -11.03 -9.25 6.22
C SER A 86 -9.81 -8.42 5.86
N VAL A 87 -8.83 -9.07 5.21
CA VAL A 87 -7.46 -8.56 5.08
C VAL A 87 -7.43 -7.29 4.21
N ASN A 88 -6.64 -6.33 4.67
CA ASN A 88 -6.24 -5.13 3.93
C ASN A 88 -4.89 -4.66 4.49
N LEU A 89 -4.48 -3.43 4.09
CA LEU A 89 -3.14 -2.94 4.35
C LEU A 89 -3.04 -2.57 5.81
N SER A 90 -4.11 -1.87 6.28
CA SER A 90 -4.34 -1.43 7.65
C SER A 90 -4.03 -2.54 8.64
N ILE A 91 -4.66 -3.72 8.40
CA ILE A 91 -4.53 -4.91 9.25
C ILE A 91 -3.10 -5.46 9.19
N LEU A 92 -2.51 -5.47 7.98
CA LEU A 92 -1.22 -6.10 7.75
C LEU A 92 -0.09 -5.14 8.14
N LYS A 93 -0.39 -3.85 8.30
CA LYS A 93 0.58 -2.92 8.86
C LYS A 93 0.49 -2.98 10.38
N PHE A 94 -0.72 -3.23 10.91
CA PHE A 94 -0.91 -3.55 12.31
C PHE A 94 -0.07 -4.78 12.66
N LEU A 95 -0.38 -5.91 12.07
CA LEU A 95 0.32 -7.16 12.36
C LEU A 95 1.84 -7.04 12.11
N GLY A 96 2.19 -6.34 11.02
CA GLY A 96 3.57 -6.17 10.59
C GLY A 96 4.38 -5.33 11.58
N PHE A 97 3.78 -4.21 12.04
CA PHE A 97 4.38 -3.32 13.03
C PHE A 97 4.73 -4.14 14.27
N GLU A 98 3.80 -4.95 14.76
CA GLU A 98 4.02 -5.75 15.96
C GLU A 98 5.10 -6.81 15.75
N GLN A 99 5.14 -7.49 14.59
CA GLN A 99 6.18 -8.49 14.30
C GLN A 99 7.59 -7.91 14.45
N ILE A 100 7.76 -6.62 14.15
CA ILE A 100 9.06 -6.00 14.29
C ILE A 100 9.60 -6.19 15.72
N PHE A 101 8.81 -5.76 16.71
CA PHE A 101 9.28 -5.64 18.09
C PHE A 101 9.23 -7.02 18.77
N LYS A 102 8.32 -7.88 18.30
CA LYS A 102 8.16 -9.25 18.77
C LYS A 102 9.33 -10.13 18.33
N ASN A 103 9.70 -10.03 17.04
CA ASN A 103 10.86 -10.69 16.47
C ASN A 103 12.13 -10.25 17.20
N ALA A 104 12.23 -8.95 17.47
CA ALA A 104 13.44 -8.34 18.03
C ALA A 104 13.77 -8.92 19.40
N LEU A 105 12.73 -9.17 20.20
CA LEU A 105 12.86 -9.69 21.56
C LEU A 105 13.67 -10.98 21.60
N THR A 106 13.54 -11.80 20.54
CA THR A 106 14.16 -13.11 20.44
C THR A 106 15.68 -12.99 20.53
N GLY A 107 16.24 -11.89 20.01
CA GLY A 107 17.68 -11.72 19.98
C GLY A 107 18.29 -12.14 18.64
N LEU A 108 17.50 -12.84 17.79
CA LEU A 108 17.92 -13.30 16.47
C LEU A 108 17.83 -12.13 15.51
N ASN A 109 18.45 -12.29 14.33
CA ASN A 109 18.48 -11.25 13.30
C ASN A 109 17.26 -11.38 12.37
N MET A 110 16.13 -10.83 12.80
CA MET A 110 14.90 -10.86 12.03
C MET A 110 14.24 -9.49 12.04
N GLY A 111 13.92 -8.98 10.86
CA GLY A 111 13.14 -7.76 10.71
C GLY A 111 11.66 -8.05 10.96
N GLY A 112 10.79 -7.23 10.40
CA GLY A 112 9.37 -7.35 10.68
C GLY A 112 8.56 -6.96 9.45
N GLY A 113 7.60 -7.83 9.10
CA GLY A 113 6.77 -7.66 7.91
C GLY A 113 5.56 -8.59 8.02
N LYS A 114 4.66 -8.51 7.04
CA LYS A 114 3.49 -9.38 6.96
C LYS A 114 2.85 -9.18 5.61
N GLY A 115 2.11 -10.20 5.13
CA GLY A 115 1.44 -10.16 3.83
C GLY A 115 0.31 -11.17 3.75
N GLY A 116 -0.26 -11.39 2.55
CA GLY A 116 -1.43 -12.25 2.42
C GLY A 116 -2.40 -11.66 1.39
N SER A 117 -3.69 -12.08 1.49
CA SER A 117 -4.74 -11.74 0.53
C SER A 117 -6.10 -11.76 1.25
N ASP A 118 -7.14 -11.24 0.57
CA ASP A 118 -8.52 -11.33 0.99
C ASP A 118 -9.19 -12.53 0.29
N PHE A 119 -8.34 -13.37 -0.34
CA PHE A 119 -8.71 -14.73 -0.68
C PHE A 119 -9.26 -15.40 0.56
N ASP A 120 -10.41 -16.07 0.41
CA ASP A 120 -11.08 -16.77 1.50
C ASP A 120 -10.93 -18.28 1.27
N PRO A 121 -10.01 -18.96 1.99
CA PRO A 121 -9.94 -20.42 1.97
C PRO A 121 -11.24 -21.21 2.07
N LYS A 122 -12.25 -20.62 2.75
CA LYS A 122 -13.53 -21.25 3.04
C LYS A 122 -14.17 -21.83 1.76
N GLY A 123 -14.37 -23.16 1.73
CA GLY A 123 -15.11 -23.78 0.65
C GLY A 123 -14.37 -23.73 -0.68
N LYS A 124 -13.04 -23.59 -0.62
CA LYS A 124 -12.24 -23.77 -1.81
C LYS A 124 -11.62 -25.15 -1.74
N SER A 125 -11.51 -25.81 -2.89
CA SER A 125 -10.92 -27.13 -3.01
C SER A 125 -9.41 -26.98 -3.03
N ASP A 126 -8.68 -28.09 -2.91
CA ASP A 126 -7.23 -28.04 -2.84
C ASP A 126 -6.65 -27.50 -4.15
N SER A 127 -7.29 -27.84 -5.29
CA SER A 127 -6.89 -27.33 -6.59
C SER A 127 -6.96 -25.81 -6.57
N GLU A 128 -8.02 -25.27 -5.96
CA GLU A 128 -8.29 -23.84 -6.00
C GLU A 128 -7.24 -23.07 -5.20
N ILE A 129 -7.03 -23.53 -3.94
CA ILE A 129 -5.92 -23.10 -3.07
C ILE A 129 -4.62 -23.19 -3.89
N ARG A 130 -4.30 -24.40 -4.40
CA ARG A 130 -3.09 -24.65 -5.18
C ARG A 130 -2.92 -23.60 -6.30
N ARG A 131 -3.99 -23.35 -7.05
CA ARG A 131 -3.97 -22.44 -8.19
C ARG A 131 -3.85 -20.99 -7.72
N PHE A 132 -4.30 -20.71 -6.49
CA PHE A 132 -4.21 -19.36 -5.92
C PHE A 132 -2.79 -19.14 -5.36
N CYS A 133 -2.25 -20.11 -4.62
CA CYS A 133 -0.89 -19.99 -4.09
C CYS A 133 0.11 -19.74 -5.22
N VAL A 134 -0.13 -20.44 -6.34
CA VAL A 134 0.66 -20.36 -7.55
C VAL A 134 0.59 -18.97 -8.16
N ALA A 135 -0.64 -18.46 -8.29
CA ALA A 135 -0.90 -17.17 -8.90
C ALA A 135 -0.32 -16.05 -8.04
N PHE A 136 -0.27 -16.28 -6.71
CA PHE A 136 0.08 -15.29 -5.70
C PHE A 136 1.59 -15.16 -5.57
N MET A 137 2.28 -16.30 -5.65
CA MET A 137 3.72 -16.35 -5.44
C MET A 137 4.44 -15.84 -6.68
N THR A 138 3.77 -15.82 -7.84
CA THR A 138 4.36 -15.44 -9.13
C THR A 138 4.67 -13.94 -9.09
N GLU A 139 3.91 -13.17 -8.32
CA GLU A 139 4.21 -11.76 -8.19
C GLU A 139 5.08 -11.52 -6.96
N LEU A 140 4.71 -12.11 -5.82
CA LEU A 140 5.51 -12.06 -4.60
C LEU A 140 6.95 -12.48 -4.87
N CYS A 141 7.14 -13.41 -5.79
CA CYS A 141 8.42 -14.08 -5.88
C CYS A 141 9.54 -13.03 -5.90
N ARG A 142 9.34 -11.97 -6.69
CA ARG A 142 10.42 -11.05 -7.04
C ARG A 142 10.82 -10.17 -5.87
N HIS A 143 10.02 -10.15 -4.79
CA HIS A 143 10.25 -9.20 -3.72
C HIS A 143 10.77 -9.89 -2.46
N ILE A 144 10.91 -11.23 -2.46
CA ILE A 144 11.28 -11.98 -1.26
C ILE A 144 12.51 -12.84 -1.56
N GLY A 145 13.12 -13.40 -0.49
CA GLY A 145 14.28 -14.27 -0.59
C GLY A 145 14.90 -14.57 0.78
N ALA A 146 15.81 -15.54 0.80
CA ALA A 146 16.51 -15.95 2.01
C ALA A 146 17.18 -14.79 2.75
N ASP A 147 17.54 -13.72 2.03
CA ASP A 147 18.30 -12.64 2.65
C ASP A 147 17.56 -11.31 2.58
N THR A 148 16.33 -11.34 2.03
CA THR A 148 15.50 -10.16 1.76
C THR A 148 14.22 -10.27 2.60
N ASP A 149 13.45 -11.34 2.42
CA ASP A 149 12.17 -11.53 3.12
C ASP A 149 11.87 -13.03 3.21
N VAL A 150 11.65 -13.56 4.42
CA VAL A 150 11.31 -14.96 4.61
C VAL A 150 9.92 -15.09 5.21
N PRO A 151 8.84 -15.14 4.40
CA PRO A 151 7.47 -15.27 4.90
C PRO A 151 7.17 -16.61 5.57
N ALA A 152 5.98 -16.70 6.17
CA ALA A 152 5.53 -17.92 6.80
C ALA A 152 3.99 -18.04 6.72
N GLY A 153 3.44 -18.84 7.64
CA GLY A 153 2.01 -19.12 7.70
C GLY A 153 1.34 -18.20 8.70
N ASP A 154 0.02 -18.33 8.79
CA ASP A 154 -0.85 -17.53 9.65
C ASP A 154 -2.29 -17.93 9.30
N ILE A 155 -3.28 -17.08 9.60
CA ILE A 155 -4.66 -17.42 9.31
C ILE A 155 -4.74 -17.64 7.80
N GLY A 156 -5.28 -18.79 7.39
CA GLY A 156 -5.51 -19.13 5.98
C GLY A 156 -4.30 -19.70 5.25
N VAL A 157 -3.17 -19.88 5.96
CA VAL A 157 -1.92 -20.22 5.32
C VAL A 157 -1.19 -21.15 6.26
N THR A 158 -1.34 -22.46 6.00
CA THR A 158 -0.70 -23.49 6.81
C THR A 158 0.15 -24.40 5.93
N GLY A 159 0.59 -25.55 6.45
CA GLY A 159 1.58 -26.39 5.80
C GLY A 159 1.27 -26.65 4.32
N ARG A 160 0.01 -26.98 4.01
CA ARG A 160 -0.45 -27.21 2.63
C ARG A 160 -0.09 -26.02 1.74
N GLU A 161 -0.44 -24.79 2.18
CA GLU A 161 -0.21 -23.58 1.39
C GLU A 161 1.29 -23.27 1.27
N ILE A 162 2.08 -23.44 2.34
CA ILE A 162 3.51 -23.13 2.34
C ILE A 162 4.24 -24.04 1.36
N GLY A 163 3.76 -25.29 1.24
CA GLY A 163 4.22 -26.23 0.22
C GLY A 163 4.03 -25.64 -1.17
N TYR A 164 2.80 -25.20 -1.45
CA TYR A 164 2.47 -24.71 -2.78
C TYR A 164 3.21 -23.43 -3.09
N LEU A 165 3.41 -22.58 -2.08
CA LEU A 165 4.23 -21.37 -2.24
C LEU A 165 5.67 -21.80 -2.51
N PHE A 166 6.20 -22.76 -1.76
CA PHE A 166 7.60 -23.11 -1.89
C PHE A 166 7.91 -23.69 -3.27
N GLY A 167 7.01 -24.57 -3.73
CA GLY A 167 7.06 -25.15 -5.06
C GLY A 167 7.11 -24.09 -6.16
N GLN A 168 6.25 -23.06 -6.09
CA GLN A 168 6.20 -22.07 -7.17
C GLN A 168 7.44 -21.16 -7.18
N TYR A 169 7.87 -20.72 -5.99
CA TYR A 169 9.08 -19.93 -5.81
C TYR A 169 10.25 -20.64 -6.46
N ARG A 170 10.50 -21.87 -6.00
CA ARG A 170 11.63 -22.68 -6.46
C ARG A 170 11.60 -22.78 -7.98
N LYS A 171 10.41 -23.08 -8.50
CA LYS A 171 10.15 -23.20 -9.92
C LYS A 171 10.65 -21.93 -10.64
N LEU A 172 10.17 -20.77 -10.19
CA LEU A 172 10.41 -19.50 -10.87
C LEU A 172 11.87 -19.07 -10.66
N ARG A 173 12.30 -19.00 -9.42
CA ARG A 173 13.60 -18.48 -9.08
C ARG A 173 14.70 -19.43 -9.52
N ASN A 174 14.39 -20.72 -9.67
CA ASN A 174 15.39 -21.76 -9.90
C ASN A 174 16.45 -21.75 -8.80
N SER A 175 15.98 -21.75 -7.54
N SER A 175 15.99 -21.73 -7.52
CA SER A 175 16.88 -21.83 -6.40
CA SER A 175 16.89 -21.79 -6.37
C SER A 175 16.21 -22.57 -5.23
C SER A 175 16.22 -22.52 -5.21
N TRP A 176 17.02 -23.26 -4.43
CA TRP A 176 16.56 -23.94 -3.23
C TRP A 176 17.17 -23.28 -2.00
N GLU A 177 16.39 -22.43 -1.32
CA GLU A 177 16.85 -21.64 -0.20
C GLU A 177 15.76 -21.52 0.86
N GLY A 178 16.11 -21.07 2.07
CA GLY A 178 15.14 -20.91 3.14
C GLY A 178 14.24 -19.69 2.96
N VAL A 179 13.53 -19.61 1.81
CA VAL A 179 12.64 -18.49 1.50
C VAL A 179 11.30 -18.56 2.26
N LEU A 180 10.92 -19.76 2.76
CA LEU A 180 9.80 -19.87 3.70
C LEU A 180 10.18 -20.65 4.96
N THR A 181 9.47 -20.38 6.06
CA THR A 181 9.50 -21.21 7.24
C THR A 181 8.12 -21.85 7.36
N GLY A 182 8.00 -22.96 8.12
CA GLY A 182 6.78 -23.77 8.17
C GLY A 182 6.82 -24.92 7.17
N LYS A 183 8.02 -25.34 6.77
CA LYS A 183 8.18 -26.30 5.67
C LYS A 183 8.05 -27.73 6.19
N GLY A 184 7.95 -28.66 5.23
CA GLY A 184 7.87 -30.09 5.49
C GLY A 184 9.11 -30.60 6.22
N GLY A 185 9.00 -31.82 6.76
CA GLY A 185 10.16 -32.46 7.37
C GLY A 185 11.29 -32.66 6.36
N SER A 186 10.96 -33.11 5.14
CA SER A 186 11.97 -33.61 4.23
C SER A 186 12.38 -32.56 3.19
N TRP A 187 11.80 -31.35 3.27
CA TRP A 187 12.23 -30.24 2.43
C TRP A 187 12.44 -28.96 3.26
N GLY A 188 13.19 -29.12 4.36
CA GLY A 188 13.87 -28.03 5.02
C GLY A 188 13.14 -27.58 6.28
N GLY A 189 12.15 -28.36 6.71
CA GLY A 189 11.51 -28.06 7.99
C GLY A 189 12.45 -28.34 9.17
N SER A 190 12.12 -27.74 10.32
CA SER A 190 12.76 -28.05 11.61
C SER A 190 11.81 -28.85 12.50
N LEU A 191 12.37 -29.75 13.31
CA LEU A 191 11.59 -30.41 14.33
C LEU A 191 11.42 -29.41 15.46
N ILE A 192 10.42 -29.66 16.32
CA ILE A 192 9.96 -28.76 17.37
C ILE A 192 9.17 -27.57 16.80
N ARG A 193 8.84 -27.55 15.50
CA ARG A 193 7.94 -26.53 14.98
C ARG A 193 6.57 -26.71 15.63
N PRO A 194 5.96 -27.91 15.56
CA PRO A 194 4.68 -28.13 16.22
C PRO A 194 4.75 -27.73 17.70
N GLU A 195 5.87 -28.06 18.35
CA GLU A 195 6.01 -27.92 19.79
C GLU A 195 6.62 -26.58 20.20
N ALA A 196 6.79 -25.66 19.24
CA ALA A 196 7.60 -24.46 19.45
C ALA A 196 6.98 -23.46 20.43
N THR A 197 5.70 -23.11 20.23
CA THR A 197 5.04 -22.07 21.03
C THR A 197 4.88 -22.51 22.49
N GLY A 198 4.42 -23.77 22.69
CA GLY A 198 4.10 -24.32 24.01
C GLY A 198 5.35 -24.57 24.86
N TYR A 199 6.37 -25.20 24.27
CA TYR A 199 7.67 -25.34 24.90
C TYR A 199 8.25 -23.94 25.20
N GLY A 200 8.02 -22.98 24.31
CA GLY A 200 8.47 -21.62 24.52
C GLY A 200 7.90 -20.99 25.80
N VAL A 201 6.58 -21.19 26.01
CA VAL A 201 5.87 -20.60 27.13
C VAL A 201 6.47 -21.13 28.44
N VAL A 202 6.65 -22.46 28.46
CA VAL A 202 7.24 -23.14 29.59
C VAL A 202 8.65 -22.63 29.83
N TYR A 203 9.42 -22.41 28.77
CA TYR A 203 10.83 -22.06 28.90
C TYR A 203 10.95 -20.65 29.46
N TYR A 204 9.96 -19.81 29.14
CA TYR A 204 9.94 -18.43 29.63
C TYR A 204 9.75 -18.48 31.15
N VAL A 205 8.70 -19.17 31.59
CA VAL A 205 8.40 -19.26 33.01
C VAL A 205 9.58 -19.82 33.79
N GLU A 206 10.27 -20.81 33.18
CA GLU A 206 11.39 -21.47 33.83
C GLU A 206 12.42 -20.42 34.17
N HIS A 207 12.66 -19.52 33.22
CA HIS A 207 13.58 -18.41 33.42
C HIS A 207 13.02 -17.49 34.51
N MET A 208 11.71 -17.22 34.46
CA MET A 208 11.10 -16.34 35.45
C MET A 208 11.39 -16.88 36.84
N ILE A 209 11.15 -18.18 37.03
CA ILE A 209 11.31 -18.83 38.33
C ILE A 209 12.75 -18.69 38.78
N ALA A 210 13.69 -19.08 37.91
CA ALA A 210 15.12 -18.95 38.19
C ALA A 210 15.47 -17.58 38.73
N HIS A 211 15.00 -16.51 38.08
CA HIS A 211 15.34 -15.14 38.48
C HIS A 211 14.75 -14.87 39.85
N ALA A 212 13.42 -14.92 39.91
CA ALA A 212 12.70 -14.59 41.11
C ALA A 212 13.24 -15.35 42.32
N THR A 213 13.56 -16.66 42.18
CA THR A 213 13.99 -17.50 43.30
C THR A 213 15.52 -17.58 43.35
N ASN A 214 16.20 -16.56 42.85
CA ASN A 214 17.62 -16.57 42.60
C ASN A 214 18.11 -18.02 42.44
N GLY A 215 17.60 -18.71 41.41
CA GLY A 215 18.11 -20.01 41.01
C GLY A 215 17.95 -21.10 42.08
N ALA A 216 17.01 -20.90 43.01
CA ALA A 216 16.78 -21.83 44.10
C ALA A 216 15.53 -22.68 43.86
N GLU A 217 14.89 -22.56 42.68
CA GLU A 217 13.72 -23.38 42.36
C GLU A 217 13.72 -23.78 40.88
N SER A 218 13.05 -24.91 40.59
CA SER A 218 12.86 -25.45 39.24
C SER A 218 11.40 -25.31 38.87
N PHE A 219 10.97 -26.03 37.82
CA PHE A 219 9.57 -26.35 37.63
C PHE A 219 9.18 -27.55 38.50
N ALA A 220 10.21 -28.25 39.01
CA ALA A 220 10.02 -29.55 39.66
C ALA A 220 9.02 -29.40 40.80
N GLY A 221 7.99 -30.25 40.77
CA GLY A 221 6.89 -30.20 41.73
C GLY A 221 5.75 -29.30 41.27
N LYS A 222 6.07 -28.14 40.67
CA LYS A 222 5.17 -27.00 40.52
C LYS A 222 3.82 -27.40 39.91
N ARG A 223 2.75 -26.85 40.48
CA ARG A 223 1.39 -27.16 40.08
C ARG A 223 0.96 -26.11 39.08
N VAL A 224 0.58 -26.55 37.88
CA VAL A 224 0.45 -25.65 36.74
C VAL A 224 -0.98 -25.71 36.17
N ALA A 225 -1.65 -24.55 36.14
CA ALA A 225 -3.01 -24.45 35.62
C ALA A 225 -2.99 -24.02 34.15
N ILE A 226 -3.19 -24.96 33.22
CA ILE A 226 -3.24 -24.57 31.80
C ILE A 226 -4.71 -24.45 31.43
N SER A 227 -5.02 -23.54 30.49
CA SER A 227 -6.30 -23.55 29.81
C SER A 227 -6.07 -23.66 28.31
N GLY A 228 -6.99 -24.37 27.63
CA GLY A 228 -6.90 -24.67 26.21
C GLY A 228 -6.55 -26.14 26.04
N SER A 229 -6.73 -26.65 24.82
CA SER A 229 -6.56 -28.07 24.53
C SER A 229 -6.06 -28.29 23.10
N GLY A 230 -5.34 -27.29 22.56
CA GLY A 230 -4.77 -27.34 21.23
C GLY A 230 -3.25 -27.28 21.27
N ASN A 231 -2.63 -26.89 20.14
CA ASN A 231 -1.19 -26.90 19.94
C ASN A 231 -0.52 -26.49 21.25
N VAL A 232 -0.94 -25.32 21.77
CA VAL A 232 -0.18 -24.59 22.76
C VAL A 232 -0.34 -25.26 24.12
N ALA A 233 -1.59 -25.59 24.46
CA ALA A 233 -1.91 -26.22 25.73
C ALA A 233 -1.25 -27.59 25.82
N GLN A 234 -1.27 -28.30 24.69
CA GLN A 234 -0.82 -29.68 24.59
C GLN A 234 0.67 -29.74 24.87
N TYR A 235 1.44 -28.99 24.08
CA TYR A 235 2.89 -29.11 24.14
C TYR A 235 3.40 -28.45 25.43
N ALA A 236 2.74 -27.36 25.84
CA ALA A 236 3.05 -26.71 27.09
C ALA A 236 2.99 -27.75 28.22
N ALA A 237 1.85 -28.46 28.32
CA ALA A 237 1.67 -29.48 29.33
C ALA A 237 2.84 -30.48 29.30
N LEU A 238 3.08 -31.07 28.12
CA LEU A 238 4.15 -32.04 27.91
C LEU A 238 5.49 -31.53 28.44
N LYS A 239 5.78 -30.24 28.23
CA LYS A 239 7.07 -29.69 28.61
C LYS A 239 7.15 -29.56 30.13
N VAL A 240 6.01 -29.23 30.75
CA VAL A 240 5.90 -29.15 32.19
C VAL A 240 6.13 -30.54 32.79
N ILE A 241 5.67 -31.58 32.07
CA ILE A 241 5.77 -32.94 32.57
C ILE A 241 7.23 -33.40 32.53
N GLU A 242 7.89 -33.21 31.38
CA GLU A 242 9.31 -33.51 31.17
C GLU A 242 10.18 -32.89 32.26
N LEU A 243 9.81 -31.67 32.70
CA LEU A 243 10.61 -30.89 33.66
C LEU A 243 10.24 -31.20 35.10
N GLY A 244 9.35 -32.17 35.30
CA GLY A 244 8.98 -32.65 36.62
C GLY A 244 7.86 -31.80 37.23
N GLY A 245 6.95 -31.33 36.36
CA GLY A 245 5.85 -30.47 36.77
C GLY A 245 4.53 -31.23 36.72
N ARG A 246 3.56 -30.75 37.51
CA ARG A 246 2.23 -31.30 37.57
C ARG A 246 1.27 -30.41 36.80
N VAL A 247 0.83 -30.87 35.63
CA VAL A 247 -0.18 -30.16 34.84
C VAL A 247 -1.52 -30.59 35.40
N VAL A 248 -2.27 -29.63 35.95
CA VAL A 248 -3.42 -29.89 36.81
C VAL A 248 -4.76 -29.59 36.12
N SER A 249 -4.74 -28.96 34.93
CA SER A 249 -5.97 -28.53 34.27
C SER A 249 -5.79 -28.39 32.76
N LEU A 250 -6.88 -28.63 32.02
CA LEU A 250 -7.02 -28.26 30.62
C LEU A 250 -8.38 -27.58 30.49
N SER A 251 -8.78 -27.15 29.29
CA SER A 251 -10.07 -26.47 29.11
C SER A 251 -10.44 -26.36 27.63
N ASP A 252 -11.76 -26.24 27.39
CA ASP A 252 -12.36 -26.32 26.06
C ASP A 252 -13.23 -25.07 25.84
N SER A 253 -14.19 -25.14 24.90
CA SER A 253 -15.10 -24.05 24.64
C SER A 253 -16.33 -24.19 25.52
N GLN A 254 -17.03 -25.31 25.38
CA GLN A 254 -18.08 -25.64 26.32
C GLN A 254 -17.56 -26.71 27.27
N GLY A 255 -16.68 -26.31 28.21
CA GLY A 255 -16.30 -27.11 29.34
C GLY A 255 -14.80 -27.06 29.64
N SER A 256 -14.44 -27.41 30.89
CA SER A 256 -13.06 -27.52 31.38
C SER A 256 -12.79 -28.83 32.13
N LEU A 257 -11.50 -29.18 32.26
CA LEU A 257 -11.03 -30.39 32.90
C LEU A 257 -10.08 -30.04 34.06
N ILE A 258 -10.32 -30.62 35.26
CA ILE A 258 -9.49 -30.45 36.43
C ILE A 258 -9.03 -31.82 36.95
N VAL A 259 -7.81 -31.91 37.50
CA VAL A 259 -7.24 -33.16 37.98
C VAL A 259 -7.92 -33.58 39.29
N LYS A 260 -7.65 -34.82 39.74
CA LYS A 260 -8.19 -35.41 40.95
C LYS A 260 -7.61 -34.78 42.23
N ASP A 261 -6.73 -33.78 42.06
CA ASP A 261 -5.92 -33.20 43.12
C ASP A 261 -4.76 -34.14 43.43
N LYS A 262 -3.66 -33.58 43.96
CA LYS A 262 -2.45 -34.32 44.29
C LYS A 262 -2.10 -35.26 43.12
N ASP A 263 -1.97 -34.71 41.90
CA ASP A 263 -1.76 -35.51 40.69
C ASP A 263 -1.55 -34.62 39.45
N SER A 264 -1.23 -35.24 38.30
CA SER A 264 -1.06 -34.57 37.02
C SER A 264 -1.60 -35.42 35.88
N PHE A 265 -1.72 -34.83 34.69
CA PHE A 265 -2.02 -35.58 33.48
C PHE A 265 -0.76 -36.34 33.07
N THR A 266 -0.96 -37.48 32.40
CA THR A 266 0.13 -38.27 31.86
C THR A 266 0.20 -38.03 30.36
N PRO A 267 1.40 -38.09 29.72
CA PRO A 267 1.51 -37.89 28.28
C PRO A 267 0.45 -38.59 27.46
N ALA A 268 0.03 -39.79 27.88
CA ALA A 268 -0.97 -40.55 27.13
C ALA A 268 -2.37 -39.91 27.26
N GLU A 269 -2.65 -39.29 28.41
CA GLU A 269 -3.92 -38.61 28.61
C GLU A 269 -3.96 -37.36 27.75
N ILE A 270 -2.80 -36.68 27.65
CA ILE A 270 -2.62 -35.56 26.75
C ILE A 270 -2.75 -36.07 25.31
N ASP A 271 -2.02 -37.15 24.99
CA ASP A 271 -2.03 -37.76 23.67
C ASP A 271 -3.46 -38.18 23.30
N ALA A 272 -4.31 -38.31 24.31
CA ALA A 272 -5.70 -38.70 24.10
C ALA A 272 -6.58 -37.47 23.88
N ILE A 273 -6.20 -36.33 24.47
CA ILE A 273 -6.87 -35.05 24.18
C ILE A 273 -6.56 -34.61 22.75
N ALA A 274 -5.41 -35.04 22.20
CA ALA A 274 -5.03 -34.69 20.83
C ALA A 274 -5.93 -35.44 19.84
N ALA A 275 -6.22 -36.70 20.16
CA ALA A 275 -7.13 -37.51 19.36
C ALA A 275 -8.55 -36.97 19.44
N LEU A 276 -8.87 -36.27 20.54
CA LEU A 276 -10.22 -35.77 20.77
C LEU A 276 -10.49 -34.51 19.94
N LYS A 277 -9.49 -33.62 19.84
CA LYS A 277 -9.61 -32.41 19.02
C LYS A 277 -9.66 -32.80 17.54
N VAL A 278 -8.71 -33.65 17.13
CA VAL A 278 -8.85 -34.37 15.88
C VAL A 278 -10.07 -35.28 16.03
N ASP A 279 -10.84 -35.50 14.95
CA ASP A 279 -12.21 -36.01 15.05
C ASP A 279 -13.12 -35.04 15.80
N ARG A 280 -12.72 -33.74 15.86
CA ARG A 280 -13.56 -32.62 16.29
C ARG A 280 -14.33 -32.83 17.60
N LYS A 281 -13.93 -33.80 18.45
CA LYS A 281 -14.63 -34.10 19.69
C LYS A 281 -14.12 -33.24 20.84
N GLN A 282 -14.65 -33.46 22.07
CA GLN A 282 -14.47 -32.57 23.23
C GLN A 282 -13.70 -33.28 24.35
N ILE A 283 -13.53 -32.62 25.50
CA ILE A 283 -12.66 -33.14 26.56
C ILE A 283 -13.44 -34.05 27.50
N ALA A 284 -14.73 -33.74 27.73
CA ALA A 284 -15.65 -34.64 28.41
C ALA A 284 -15.48 -36.08 27.92
N GLU A 285 -15.30 -36.26 26.60
CA GLU A 285 -15.20 -37.57 25.96
C GLU A 285 -14.18 -38.49 26.64
N LEU A 286 -13.23 -37.91 27.40
CA LEU A 286 -12.21 -38.67 28.13
C LEU A 286 -12.79 -39.25 29.42
N VAL A 287 -13.52 -38.41 30.17
CA VAL A 287 -14.15 -38.77 31.44
C VAL A 287 -15.28 -39.77 31.18
N THR A 288 -15.79 -39.79 29.94
CA THR A 288 -16.67 -40.85 29.47
C THR A 288 -15.98 -42.21 29.66
N ASP A 289 -14.79 -42.38 29.06
CA ASP A 289 -13.99 -43.56 29.29
C ASP A 289 -13.78 -43.75 30.79
N ALA A 290 -13.74 -45.02 31.24
CA ALA A 290 -13.70 -45.38 32.65
C ALA A 290 -12.33 -45.08 33.28
N ALA A 291 -11.26 -45.47 32.59
CA ALA A 291 -9.89 -45.34 33.07
C ALA A 291 -9.52 -43.88 33.38
N PHE A 292 -10.31 -42.92 32.84
CA PHE A 292 -10.12 -41.51 33.11
C PHE A 292 -11.38 -40.90 33.75
N ALA A 293 -12.51 -41.66 33.76
CA ALA A 293 -13.74 -41.26 34.44
C ALA A 293 -13.43 -40.82 35.88
N ASP A 294 -12.68 -41.67 36.58
CA ASP A 294 -11.90 -41.26 37.75
C ASP A 294 -10.52 -40.80 37.27
N LYS A 295 -9.89 -39.97 38.11
CA LYS A 295 -8.65 -39.28 37.81
C LYS A 295 -8.93 -37.89 37.23
N PHE A 296 -10.18 -37.60 36.81
CA PHE A 296 -10.53 -36.32 36.19
C PHE A 296 -12.00 -35.92 36.41
N THR A 297 -12.20 -34.61 36.64
N THR A 297 -12.20 -34.61 36.64
CA THR A 297 -13.51 -34.00 36.83
CA THR A 297 -13.51 -34.00 36.83
C THR A 297 -13.79 -33.04 35.67
C THR A 297 -13.79 -33.04 35.67
N TYR A 298 -14.96 -33.19 35.04
CA TYR A 298 -15.45 -32.25 34.03
C TYR A 298 -16.45 -31.27 34.63
N LEU A 299 -16.21 -29.97 34.41
CA LEU A 299 -17.06 -28.89 34.86
C LEU A 299 -17.51 -28.14 33.61
N PRO A 300 -18.72 -28.40 33.05
CA PRO A 300 -19.16 -27.69 31.85
C PRO A 300 -19.24 -26.17 32.05
N GLY A 301 -18.93 -25.39 31.01
CA GLY A 301 -19.08 -23.94 31.03
C GLY A 301 -18.06 -23.18 31.88
N GLN A 302 -17.00 -23.87 32.34
CA GLN A 302 -16.12 -23.32 33.36
C GLN A 302 -14.67 -23.17 32.87
N ARG A 303 -13.98 -22.24 33.54
CA ARG A 303 -12.57 -21.92 33.32
C ARG A 303 -11.79 -22.27 34.58
N PRO A 304 -10.64 -22.96 34.46
CA PRO A 304 -10.03 -23.64 35.61
C PRO A 304 -9.57 -22.78 36.79
N TRP A 305 -9.53 -21.46 36.59
CA TRP A 305 -8.68 -20.58 37.40
C TRP A 305 -8.97 -20.81 38.88
N VAL A 306 -10.26 -20.99 39.21
CA VAL A 306 -10.71 -21.12 40.60
C VAL A 306 -11.04 -22.56 41.00
N HIS A 307 -11.13 -23.52 40.06
CA HIS A 307 -11.57 -24.87 40.40
C HIS A 307 -10.41 -25.80 40.77
N VAL A 308 -9.18 -25.27 40.76
N VAL A 308 -9.18 -25.25 40.78
CA VAL A 308 -7.97 -26.08 40.73
CA VAL A 308 -7.96 -26.04 40.73
C VAL A 308 -7.40 -26.27 42.14
C VAL A 308 -7.37 -26.25 42.12
N GLY A 309 -7.59 -25.28 43.02
CA GLY A 309 -7.08 -25.34 44.37
C GLY A 309 -5.81 -24.52 44.46
N ALA A 310 -4.78 -25.12 45.03
CA ALA A 310 -3.52 -24.46 45.35
C ALA A 310 -2.56 -24.57 44.16
N VAL A 311 -2.27 -23.45 43.48
CA VAL A 311 -1.52 -23.50 42.23
C VAL A 311 -0.38 -22.47 42.21
N ASP A 312 0.68 -22.81 41.44
CA ASP A 312 1.89 -22.02 41.35
C ASP A 312 2.00 -21.35 39.99
N VAL A 313 1.69 -22.07 38.90
CA VAL A 313 1.87 -21.53 37.56
C VAL A 313 0.59 -21.66 36.75
N ALA A 314 0.28 -20.59 36.01
CA ALA A 314 -0.93 -20.46 35.22
C ALA A 314 -0.54 -20.13 33.78
N LEU A 315 -0.99 -20.93 32.81
CA LEU A 315 -0.61 -20.70 31.44
C LEU A 315 -1.85 -20.61 30.53
N PRO A 316 -2.56 -19.47 30.51
CA PRO A 316 -3.72 -19.32 29.63
C PRO A 316 -3.33 -19.54 28.17
N SER A 317 -3.99 -20.49 27.48
CA SER A 317 -3.51 -20.92 26.17
C SER A 317 -4.63 -21.28 25.20
N ALA A 318 -5.85 -20.74 25.42
CA ALA A 318 -7.07 -21.12 24.72
C ALA A 318 -7.56 -19.99 23.79
N THR A 319 -8.09 -18.90 24.38
CA THR A 319 -8.53 -17.73 23.62
C THR A 319 -7.98 -16.45 24.29
N GLN A 320 -8.44 -15.31 23.77
CA GLN A 320 -8.21 -13.99 24.32
C GLN A 320 -9.26 -13.73 25.40
N ASN A 321 -8.90 -12.86 26.36
CA ASN A 321 -9.84 -12.39 27.37
C ASN A 321 -10.43 -13.58 28.15
N GLU A 322 -9.59 -14.58 28.45
CA GLU A 322 -10.01 -15.78 29.14
C GLU A 322 -9.69 -15.71 30.63
N VAL A 323 -9.19 -14.55 31.11
CA VAL A 323 -8.86 -14.32 32.51
C VAL A 323 -9.39 -12.96 32.99
N SER A 324 -10.38 -12.98 33.89
CA SER A 324 -10.96 -11.76 34.44
C SER A 324 -10.14 -11.29 35.63
N GLY A 325 -10.44 -10.06 36.10
CA GLY A 325 -9.81 -9.51 37.30
C GLY A 325 -10.19 -10.29 38.56
N GLU A 326 -11.36 -10.95 38.54
CA GLU A 326 -11.79 -11.83 39.62
C GLU A 326 -10.88 -13.06 39.66
N GLU A 327 -10.63 -13.66 38.49
CA GLU A 327 -9.96 -14.96 38.37
C GLU A 327 -8.49 -14.76 38.69
N ALA A 328 -7.99 -13.59 38.35
CA ALA A 328 -6.65 -13.16 38.74
C ALA A 328 -6.45 -13.18 40.24
N GLN A 329 -7.47 -12.74 40.99
CA GLN A 329 -7.34 -12.57 42.44
C GLN A 329 -7.36 -13.95 43.10
N ALA A 330 -8.15 -14.88 42.53
CA ALA A 330 -8.25 -16.23 43.04
C ALA A 330 -6.89 -16.90 43.01
N LEU A 331 -6.21 -16.70 41.86
CA LEU A 331 -4.87 -17.21 41.56
C LEU A 331 -3.85 -16.71 42.57
N ILE A 332 -3.90 -15.39 42.78
CA ILE A 332 -3.04 -14.72 43.73
C ILE A 332 -3.21 -15.35 45.13
N ALA A 333 -4.48 -15.48 45.58
CA ALA A 333 -4.86 -16.01 46.88
C ALA A 333 -4.59 -17.51 47.00
N ALA A 334 -4.59 -18.23 45.86
CA ALA A 334 -4.18 -19.62 45.78
C ALA A 334 -2.65 -19.79 45.80
N GLY A 335 -1.90 -18.70 45.92
CA GLY A 335 -0.44 -18.74 45.98
C GLY A 335 0.25 -18.83 44.61
N CYS A 336 -0.46 -18.55 43.49
CA CYS A 336 0.14 -18.50 42.15
C CYS A 336 1.16 -17.37 42.09
N LYS A 337 2.35 -17.66 41.51
CA LYS A 337 3.49 -16.74 41.53
C LYS A 337 4.05 -16.46 40.13
N PHE A 338 3.52 -17.15 39.09
CA PHE A 338 4.03 -17.12 37.72
C PHE A 338 2.90 -17.44 36.72
N ILE A 339 2.62 -16.48 35.81
CA ILE A 339 1.53 -16.59 34.85
C ILE A 339 1.95 -15.94 33.53
N ALA A 340 2.01 -16.74 32.46
CA ALA A 340 2.33 -16.23 31.13
C ALA A 340 1.25 -16.62 30.11
N GLU A 341 1.11 -15.84 29.04
CA GLU A 341 0.10 -16.10 28.02
C GLU A 341 0.69 -16.95 26.90
N GLY A 342 0.11 -18.16 26.70
CA GLY A 342 0.17 -18.85 25.43
C GLY A 342 -0.73 -18.18 24.38
N SER A 343 -1.92 -17.70 24.80
CA SER A 343 -2.87 -16.95 23.98
C SER A 343 -2.49 -15.48 23.96
N ASN A 344 -2.93 -14.74 22.93
CA ASN A 344 -2.73 -13.30 22.85
C ASN A 344 -3.83 -12.57 23.62
N MET A 345 -3.41 -11.70 24.56
N MET A 345 -3.43 -11.68 24.55
CA MET A 345 -4.30 -10.92 25.42
CA MET A 345 -4.33 -10.93 25.42
C MET A 345 -5.25 -11.85 26.17
C MET A 345 -5.27 -11.86 26.19
N GLY A 346 -4.75 -13.02 26.61
CA GLY A 346 -5.55 -14.00 27.33
C GLY A 346 -6.07 -13.39 28.62
N CYS A 347 -5.23 -12.54 29.21
CA CYS A 347 -5.58 -11.80 30.41
C CYS A 347 -6.16 -10.44 30.03
N THR A 348 -7.19 -10.04 30.75
CA THR A 348 -7.85 -8.77 30.54
C THR A 348 -7.03 -7.71 31.26
N GLN A 349 -7.25 -6.43 30.93
CA GLN A 349 -6.47 -5.35 31.54
C GLN A 349 -6.58 -5.38 33.07
N ALA A 350 -7.81 -5.56 33.58
CA ALA A 350 -8.09 -5.83 34.98
C ALA A 350 -7.13 -6.85 35.59
N ALA A 351 -7.05 -8.04 34.98
CA ALA A 351 -6.15 -9.13 35.39
C ALA A 351 -4.70 -8.67 35.48
N ILE A 352 -4.25 -7.94 34.46
CA ILE A 352 -2.89 -7.46 34.37
C ILE A 352 -2.61 -6.54 35.55
N ASP A 353 -3.56 -5.66 35.82
CA ASP A 353 -3.36 -4.61 36.81
C ASP A 353 -3.30 -5.25 38.19
N ALA A 354 -3.98 -6.40 38.34
CA ALA A 354 -4.11 -7.14 39.59
C ALA A 354 -2.78 -7.81 39.93
N PHE A 355 -2.18 -8.44 38.91
CA PHE A 355 -0.89 -9.10 39.04
C PHE A 355 0.21 -8.07 39.31
N GLU A 356 0.15 -6.95 38.57
CA GLU A 356 1.16 -5.90 38.57
C GLU A 356 0.98 -5.07 39.82
N ALA A 357 -0.23 -5.07 40.36
CA ALA A 357 -0.48 -4.38 41.62
C ALA A 357 0.18 -5.19 42.72
N HIS A 358 -0.13 -6.50 42.75
CA HIS A 358 0.37 -7.41 43.76
C HIS A 358 1.90 -7.50 43.66
N ARG A 359 2.42 -7.34 42.44
CA ARG A 359 3.84 -7.29 42.20
C ARG A 359 4.46 -6.07 42.91
N GLU A 360 3.78 -4.92 42.80
CA GLU A 360 4.32 -3.66 43.26
C GLU A 360 4.26 -3.57 44.79
N ALA A 361 3.38 -4.37 45.40
CA ALA A 361 3.05 -4.28 46.82
C ALA A 361 3.49 -5.53 47.60
N ASN A 362 4.11 -6.50 46.90
CA ASN A 362 4.80 -7.65 47.49
C ASN A 362 6.20 -7.74 46.89
N LYS A 363 7.24 -7.89 47.72
CA LYS A 363 8.65 -7.86 47.32
C LYS A 363 9.17 -9.25 46.90
N GLY A 364 9.97 -9.27 45.82
CA GLY A 364 10.68 -10.47 45.39
C GLY A 364 9.71 -11.56 44.95
N ALA A 365 10.05 -12.83 45.22
CA ALA A 365 9.33 -13.97 44.65
C ALA A 365 8.09 -14.30 45.48
N ALA A 366 7.72 -13.40 46.41
CA ALA A 366 6.43 -13.43 47.09
C ALA A 366 5.36 -12.79 46.21
N ALA A 367 5.83 -12.08 45.17
CA ALA A 367 4.99 -11.43 44.17
C ALA A 367 4.56 -12.47 43.16
N ILE A 368 3.39 -12.27 42.51
CA ILE A 368 2.98 -13.05 41.34
C ILE A 368 3.52 -12.29 40.14
N TRP A 369 4.11 -13.02 39.19
CA TRP A 369 4.75 -12.38 38.06
C TRP A 369 4.00 -12.76 36.79
N TYR A 370 3.64 -11.71 36.01
CA TYR A 370 2.89 -11.82 34.76
C TYR A 370 3.76 -11.37 33.60
N ALA A 371 3.88 -12.28 32.61
CA ALA A 371 4.58 -12.05 31.36
C ALA A 371 3.57 -12.03 30.20
N PRO A 372 3.70 -11.08 29.25
CA PRO A 372 2.80 -10.98 28.11
C PRO A 372 3.12 -11.98 27.00
N GLY A 373 2.09 -12.32 26.23
CA GLY A 373 2.20 -13.27 25.15
C GLY A 373 3.22 -12.82 24.12
N LYS A 374 3.38 -11.51 23.97
CA LYS A 374 4.34 -10.93 23.04
C LYS A 374 5.69 -11.61 23.24
N ALA A 375 6.02 -12.00 24.49
CA ALA A 375 7.30 -12.63 24.81
C ALA A 375 7.16 -14.12 25.12
N ALA A 376 6.30 -14.45 26.08
CA ALA A 376 6.14 -15.82 26.52
C ALA A 376 5.72 -16.75 25.36
N ASN A 377 5.13 -16.23 24.26
CA ASN A 377 4.63 -17.11 23.20
C ASN A 377 5.48 -17.09 21.91
N ALA A 378 6.77 -16.73 22.02
CA ALA A 378 7.59 -16.37 20.87
C ALA A 378 8.41 -17.55 20.36
N GLY A 379 8.03 -18.76 20.77
CA GLY A 379 8.73 -19.97 20.34
C GLY A 379 8.57 -20.22 18.84
N GLY A 380 7.35 -20.01 18.34
CA GLY A 380 7.11 -20.36 16.95
C GLY A 380 8.03 -19.58 16.05
N VAL A 381 8.24 -18.32 16.42
CA VAL A 381 9.02 -17.37 15.64
C VAL A 381 10.51 -17.63 15.84
N ALA A 382 10.83 -18.14 17.04
CA ALA A 382 12.17 -18.58 17.39
C ALA A 382 12.62 -19.76 16.53
N VAL A 383 11.69 -20.68 16.25
CA VAL A 383 11.97 -21.90 15.53
C VAL A 383 11.98 -21.59 14.03
N SER A 384 11.04 -20.72 13.57
CA SER A 384 11.18 -20.09 12.28
C SER A 384 12.64 -19.69 12.07
N GLY A 385 13.18 -18.97 13.06
CA GLY A 385 14.54 -18.47 13.06
C GLY A 385 15.55 -19.57 12.86
N LEU A 386 15.31 -20.70 13.55
CA LEU A 386 16.25 -21.83 13.56
C LEU A 386 16.05 -22.68 12.31
N GLU A 387 14.82 -22.63 11.77
CA GLU A 387 14.51 -23.30 10.51
C GLU A 387 15.32 -22.63 9.40
N MET A 388 15.36 -21.28 9.46
CA MET A 388 16.25 -20.44 8.66
C MET A 388 17.71 -20.86 8.82
N ALA A 389 18.20 -20.85 10.07
CA ALA A 389 19.60 -21.15 10.37
C ALA A 389 20.01 -22.53 9.85
N GLN A 390 19.11 -23.52 10.02
CA GLN A 390 19.33 -24.88 9.58
C GLN A 390 19.43 -24.96 8.07
N ASN A 391 18.47 -24.34 7.34
CA ASN A 391 18.49 -24.31 5.88
C ASN A 391 19.79 -23.73 5.31
N SER A 392 20.44 -22.81 6.05
CA SER A 392 21.66 -22.14 5.61
C SER A 392 22.88 -23.03 5.91
N ALA A 393 22.89 -23.55 7.15
CA ALA A 393 23.78 -24.62 7.56
C ALA A 393 23.74 -25.84 6.63
N ARG A 394 22.65 -26.01 5.86
CA ARG A 394 22.40 -27.20 5.04
C ARG A 394 22.34 -28.42 5.95
N LEU A 395 21.38 -28.44 6.90
CA LEU A 395 21.43 -29.42 7.96
C LEU A 395 20.08 -29.54 8.64
N SER A 396 19.80 -30.76 9.13
CA SER A 396 18.74 -30.97 10.09
C SER A 396 19.35 -31.33 11.45
N TRP A 397 19.28 -30.39 12.39
CA TRP A 397 19.63 -30.65 13.77
C TRP A 397 18.68 -31.71 14.35
N THR A 398 19.07 -32.29 15.50
CA THR A 398 18.26 -33.26 16.23
C THR A 398 17.18 -32.49 17.00
N ALA A 399 16.17 -33.21 17.52
CA ALA A 399 15.12 -32.58 18.30
C ALA A 399 15.69 -31.83 19.51
N GLU A 400 16.62 -32.50 20.21
CA GLU A 400 17.33 -32.00 21.39
C GLU A 400 18.04 -30.69 21.09
N GLU A 401 18.80 -30.66 19.97
CA GLU A 401 19.50 -29.46 19.53
C GLU A 401 18.53 -28.28 19.38
N VAL A 402 17.41 -28.51 18.68
CA VAL A 402 16.43 -27.47 18.38
C VAL A 402 15.81 -26.96 19.69
N ASP A 403 15.37 -27.89 20.55
CA ASP A 403 14.73 -27.57 21.83
C ASP A 403 15.64 -26.75 22.76
N ALA A 404 16.93 -27.08 22.71
CA ALA A 404 17.96 -26.43 23.50
C ALA A 404 18.16 -24.99 23.04
N ARG A 405 18.10 -24.76 21.71
CA ARG A 405 18.29 -23.44 21.14
C ARG A 405 17.01 -22.64 21.32
N LEU A 406 15.88 -23.34 21.26
CA LEU A 406 14.60 -22.71 21.58
C LEU A 406 14.68 -22.17 23.01
N LYS A 407 15.22 -22.98 23.93
CA LYS A 407 15.32 -22.58 25.32
C LYS A 407 16.22 -21.34 25.41
N ASP A 408 17.30 -21.29 24.62
CA ASP A 408 18.20 -20.15 24.78
C ASP A 408 17.54 -18.89 24.22
N ILE A 409 16.71 -19.03 23.18
CA ILE A 409 16.06 -17.86 22.59
C ILE A 409 15.02 -17.32 23.58
N MET A 410 14.38 -18.20 24.38
CA MET A 410 13.41 -17.75 25.37
C MET A 410 14.09 -17.00 26.53
N LYS A 411 15.33 -17.37 26.90
CA LYS A 411 16.01 -16.56 27.90
C LYS A 411 16.27 -15.18 27.32
N SER A 412 16.65 -15.10 26.05
CA SER A 412 16.99 -13.82 25.45
C SER A 412 15.77 -12.91 25.46
N CYS A 413 14.59 -13.47 25.14
N CYS A 413 14.59 -13.47 25.17
CA CYS A 413 13.32 -12.76 25.25
CA CYS A 413 13.33 -12.74 25.25
C CYS A 413 13.13 -12.18 26.65
C CYS A 413 13.13 -12.18 26.66
N PHE A 414 13.11 -13.09 27.64
CA PHE A 414 13.00 -12.73 29.05
C PHE A 414 13.96 -11.60 29.38
N GLN A 415 15.27 -11.84 29.16
N GLN A 415 15.25 -11.84 29.13
CA GLN A 415 16.31 -10.93 29.60
CA GLN A 415 16.31 -10.95 29.58
C GLN A 415 16.10 -9.55 29.02
C GLN A 415 16.11 -9.56 29.01
N ASN A 416 15.77 -9.50 27.72
CA ASN A 416 15.54 -8.25 27.00
C ASN A 416 14.48 -7.40 27.70
N GLY A 417 13.41 -8.04 28.13
CA GLY A 417 12.35 -7.33 28.83
C GLY A 417 12.83 -6.86 30.19
N LEU A 418 13.37 -7.83 30.95
CA LEU A 418 13.92 -7.57 32.27
C LEU A 418 14.80 -6.32 32.23
N ASP A 419 15.91 -6.42 31.50
CA ASP A 419 16.91 -5.36 31.45
C ASP A 419 16.21 -4.03 31.14
N THR A 420 15.28 -4.04 30.16
CA THR A 420 14.65 -2.82 29.67
C THR A 420 13.87 -2.14 30.79
N ALA A 421 12.95 -2.89 31.38
CA ALA A 421 12.20 -2.46 32.55
C ALA A 421 13.10 -1.91 33.67
N LYS A 422 14.25 -2.57 33.92
CA LYS A 422 15.22 -2.14 34.93
C LYS A 422 15.88 -0.80 34.60
N GLU A 423 15.91 -0.48 33.28
N GLU A 423 15.94 -0.49 33.28
CA GLU A 423 16.49 0.76 32.80
CA GLU A 423 16.49 0.74 32.76
C GLU A 423 15.42 1.85 32.76
C GLU A 423 15.43 1.84 32.76
N TYR A 424 14.28 1.57 32.12
CA TYR A 424 13.36 2.62 31.69
C TYR A 424 12.03 2.58 32.44
N ALA A 425 11.86 1.61 33.34
CA ALA A 425 10.75 1.59 34.28
C ALA A 425 11.28 1.05 35.61
N THR A 426 12.43 1.63 36.03
CA THR A 426 13.22 1.14 37.15
C THR A 426 12.32 0.98 38.37
N PRO A 427 12.12 -0.28 38.86
CA PRO A 427 11.24 -0.57 40.00
C PRO A 427 11.79 -0.15 41.35
N ALA A 428 10.90 -0.07 42.34
CA ALA A 428 11.29 0.15 43.72
C ALA A 428 12.18 -1.02 44.16
N ASP A 429 12.97 -0.76 45.20
CA ASP A 429 13.97 -1.70 45.70
C ASP A 429 13.32 -2.99 46.20
N GLY A 430 13.74 -4.13 45.62
CA GLY A 430 13.23 -5.44 45.98
C GLY A 430 12.11 -5.95 45.08
N ILE A 431 11.47 -5.04 44.32
CA ILE A 431 10.32 -5.35 43.47
C ILE A 431 10.79 -5.86 42.12
N LEU A 432 10.17 -6.97 41.67
CA LEU A 432 10.34 -7.53 40.34
C LEU A 432 10.05 -6.49 39.26
N PRO A 433 10.98 -6.22 38.29
CA PRO A 433 10.64 -5.35 37.15
C PRO A 433 9.40 -5.86 36.40
N SER A 434 8.80 -4.93 35.64
CA SER A 434 7.62 -5.21 34.84
C SER A 434 8.03 -5.76 33.48
N LEU A 435 7.55 -6.98 33.21
CA LEU A 435 7.84 -7.69 31.99
C LEU A 435 6.78 -7.36 30.93
N VAL A 436 5.58 -6.91 31.35
CA VAL A 436 4.63 -6.29 30.45
C VAL A 436 5.33 -5.11 29.79
N THR A 437 5.67 -4.11 30.61
CA THR A 437 6.31 -2.90 30.14
C THR A 437 7.65 -3.24 29.50
N GLY A 438 8.51 -3.95 30.23
CA GLY A 438 9.81 -4.32 29.72
C GLY A 438 9.70 -4.87 28.29
N SER A 439 8.76 -5.81 28.09
CA SER A 439 8.61 -6.52 26.83
C SER A 439 7.89 -5.69 25.78
N ASN A 440 7.18 -4.66 26.22
CA ASN A 440 6.49 -3.76 25.30
C ASN A 440 7.43 -2.69 24.76
N ILE A 441 8.60 -2.52 25.40
CA ILE A 441 9.56 -1.44 25.14
C ILE A 441 10.75 -2.00 24.37
N ALA A 442 11.23 -3.19 24.73
CA ALA A 442 12.57 -3.65 24.39
C ALA A 442 12.78 -3.82 22.90
N GLY A 443 11.75 -4.26 22.17
CA GLY A 443 11.84 -4.40 20.73
C GLY A 443 12.19 -3.05 20.13
N PHE A 444 11.47 -2.01 20.55
CA PHE A 444 11.68 -0.68 19.98
C PHE A 444 13.13 -0.27 20.16
N THR A 445 13.63 -0.41 21.39
CA THR A 445 14.92 0.16 21.75
C THR A 445 16.04 -0.52 20.97
N LYS A 446 15.90 -1.84 20.79
CA LYS A 446 16.90 -2.62 20.08
C LYS A 446 16.88 -2.15 18.62
N VAL A 447 15.68 -1.94 18.09
CA VAL A 447 15.50 -1.65 16.67
C VAL A 447 15.90 -0.20 16.40
N ALA A 448 15.41 0.70 17.25
CA ALA A 448 15.65 2.12 17.09
C ALA A 448 17.16 2.38 17.17
N ALA A 449 17.86 1.61 18.00
CA ALA A 449 19.28 1.86 18.22
C ALA A 449 20.05 1.45 16.97
N ALA A 450 19.69 0.28 16.45
CA ALA A 450 20.28 -0.30 15.26
C ALA A 450 20.04 0.60 14.04
N MET A 451 18.86 1.22 13.97
CA MET A 451 18.55 2.11 12.86
C MET A 451 19.40 3.37 12.99
N LYS A 452 19.69 3.81 14.21
CA LYS A 452 20.62 4.91 14.40
C LYS A 452 22.01 4.46 13.95
N ASP A 453 22.45 3.30 14.46
CA ASP A 453 23.75 2.74 14.14
C ASP A 453 23.95 2.78 12.62
N GLN A 454 22.94 2.29 11.88
CA GLN A 454 22.93 2.20 10.43
C GLN A 454 22.52 3.48 9.69
N GLY A 455 22.08 4.53 10.40
CA GLY A 455 21.84 5.84 9.80
C GLY A 455 20.49 6.02 9.10
N ASP A 456 19.45 5.27 9.53
CA ASP A 456 18.08 5.48 9.07
C ASP A 456 17.43 6.66 9.79
N TRP A 457 18.02 7.08 10.90
CA TRP A 457 17.72 8.36 11.51
C TRP A 457 19.00 8.87 12.19
N TRP A 458 19.06 10.19 12.38
CA TRP A 458 20.19 10.84 13.03
C TRP A 458 19.63 11.99 13.87
N ASN B 3 -14.30 -5.06 3.47
CA ASN B 3 -12.84 -5.37 3.53
C ASN B 3 -12.05 -4.23 2.89
N LEU B 4 -12.25 -4.01 1.58
CA LEU B 4 -11.43 -3.09 0.80
C LEU B 4 -11.64 -1.66 1.33
N PRO B 5 -10.58 -0.83 1.42
CA PRO B 5 -10.73 0.55 1.89
C PRO B 5 -11.60 1.41 0.97
N VAL B 6 -11.90 2.63 1.43
CA VAL B 6 -12.67 3.62 0.70
C VAL B 6 -11.68 4.56 0.02
N GLU B 7 -11.83 4.72 -1.30
CA GLU B 7 -10.93 5.55 -2.09
C GLU B 7 -11.75 6.43 -3.03
N PRO B 8 -12.45 7.46 -2.51
CA PRO B 8 -13.50 8.15 -3.27
C PRO B 8 -13.16 8.64 -4.69
N GLU B 9 -11.99 9.22 -4.87
CA GLU B 9 -11.63 9.84 -6.14
C GLU B 9 -11.38 8.76 -7.19
N PHE B 10 -10.87 7.59 -6.77
CA PHE B 10 -10.64 6.48 -7.70
C PHE B 10 -11.99 5.87 -8.06
N GLU B 11 -12.78 5.53 -7.04
CA GLU B 11 -14.11 4.93 -7.17
C GLU B 11 -15.04 5.81 -8.01
N GLN B 12 -14.95 7.13 -7.82
CA GLN B 12 -15.67 8.11 -8.61
C GLN B 12 -15.46 7.85 -10.11
N ALA B 13 -14.21 7.59 -10.48
CA ALA B 13 -13.79 7.54 -11.87
C ALA B 13 -14.06 6.15 -12.46
N TYR B 14 -14.07 5.13 -11.59
CA TYR B 14 -14.38 3.76 -12.03
C TYR B 14 -15.83 3.76 -12.50
N LYS B 15 -16.73 4.26 -11.63
CA LYS B 15 -18.16 4.16 -11.83
C LYS B 15 -18.60 5.14 -12.94
N GLU B 16 -17.92 6.28 -13.04
CA GLU B 16 -18.19 7.20 -14.14
C GLU B 16 -17.68 6.64 -15.47
N LEU B 17 -16.73 5.71 -15.46
CA LEU B 17 -16.33 5.06 -16.69
C LEU B 17 -17.34 3.99 -17.03
N ALA B 18 -17.58 3.11 -16.05
CA ALA B 18 -18.54 2.01 -16.17
C ALA B 18 -19.88 2.51 -16.74
N SER B 19 -20.46 3.56 -16.14
CA SER B 19 -21.74 4.11 -16.58
C SER B 19 -21.76 4.30 -18.10
N THR B 20 -20.66 4.81 -18.67
CA THR B 20 -20.60 5.16 -20.07
C THR B 20 -20.63 3.91 -20.94
N LEU B 21 -20.18 2.75 -20.41
CA LEU B 21 -20.08 1.51 -21.17
C LEU B 21 -21.44 0.78 -21.17
N GLU B 22 -22.16 0.92 -20.06
CA GLU B 22 -23.56 0.49 -19.95
C GLU B 22 -24.39 1.31 -20.93
N ASN B 23 -24.30 2.64 -20.81
CA ASN B 23 -24.90 3.59 -21.73
C ASN B 23 -24.26 3.42 -23.12
N SER B 24 -24.21 2.19 -23.60
CA SER B 24 -23.66 1.89 -24.92
C SER B 24 -24.15 0.51 -25.32
N THR B 25 -23.74 0.01 -26.50
CA THR B 25 -24.18 -1.31 -26.91
C THR B 25 -23.04 -2.32 -26.76
N LEU B 26 -21.96 -1.94 -26.06
CA LEU B 26 -20.72 -2.70 -26.03
C LEU B 26 -20.92 -4.02 -25.31
N PHE B 27 -21.65 -4.02 -24.18
CA PHE B 27 -21.81 -5.25 -23.42
C PHE B 27 -22.91 -6.16 -24.00
N GLN B 28 -23.40 -5.84 -25.22
CA GLN B 28 -24.37 -6.65 -25.97
C GLN B 28 -23.71 -7.34 -27.16
N LYS B 29 -22.84 -6.60 -27.85
CA LYS B 29 -21.95 -7.19 -28.83
C LYS B 29 -20.84 -7.95 -28.08
N ASN B 30 -20.42 -7.42 -26.93
CA ASN B 30 -19.30 -7.97 -26.17
C ASN B 30 -19.61 -8.04 -24.68
N PRO B 31 -20.50 -8.96 -24.24
CA PRO B 31 -20.79 -9.17 -22.81
C PRO B 31 -19.64 -9.54 -21.87
N GLU B 32 -18.73 -10.35 -22.39
CA GLU B 32 -17.61 -10.94 -21.64
C GLU B 32 -16.61 -9.86 -21.19
N TYR B 33 -16.72 -8.66 -21.76
CA TYR B 33 -15.89 -7.52 -21.42
C TYR B 33 -16.19 -7.02 -20.00
N ARG B 34 -17.35 -7.39 -19.43
CA ARG B 34 -17.66 -7.02 -18.05
C ARG B 34 -16.63 -7.66 -17.12
N LYS B 35 -16.18 -8.87 -17.50
CA LYS B 35 -15.14 -9.57 -16.77
C LYS B 35 -13.84 -8.79 -16.83
N ALA B 36 -13.58 -8.04 -17.90
CA ALA B 36 -12.34 -7.30 -18.04
C ALA B 36 -12.27 -6.13 -17.06
N LEU B 37 -13.37 -5.35 -17.03
CA LEU B 37 -13.56 -4.21 -16.14
C LEU B 37 -13.35 -4.59 -14.68
N ALA B 38 -13.58 -5.87 -14.34
CA ALA B 38 -13.33 -6.35 -12.98
C ALA B 38 -11.82 -6.35 -12.74
N VAL B 39 -11.05 -6.72 -13.77
CA VAL B 39 -9.65 -7.06 -13.67
C VAL B 39 -8.76 -5.83 -13.92
N VAL B 40 -9.17 -4.91 -14.83
CA VAL B 40 -8.37 -3.74 -15.21
C VAL B 40 -8.32 -2.80 -14.01
N SER B 41 -9.35 -2.90 -13.14
CA SER B 41 -9.68 -1.88 -12.14
C SER B 41 -8.88 -2.04 -10.85
N VAL B 42 -8.23 -3.20 -10.72
CA VAL B 42 -7.34 -3.46 -9.59
C VAL B 42 -5.91 -3.39 -10.14
N PRO B 43 -5.05 -2.49 -9.61
CA PRO B 43 -3.71 -2.29 -10.16
C PRO B 43 -2.89 -3.57 -10.28
N GLU B 44 -2.10 -3.70 -11.34
CA GLU B 44 -1.22 -4.85 -11.47
C GLU B 44 -0.30 -4.92 -10.25
N ARG B 45 0.38 -3.80 -9.96
CA ARG B 45 1.29 -3.66 -8.83
C ARG B 45 1.23 -2.21 -8.32
N VAL B 46 1.42 -2.05 -7.00
CA VAL B 46 1.55 -0.77 -6.33
C VAL B 46 2.73 -0.85 -5.35
N ILE B 47 3.57 0.20 -5.32
CA ILE B 47 4.66 0.26 -4.34
C ILE B 47 4.47 1.51 -3.49
N GLN B 48 4.52 1.33 -2.17
CA GLN B 48 4.56 2.40 -1.20
C GLN B 48 5.80 2.20 -0.33
N PHE B 49 6.64 3.24 -0.24
CA PHE B 49 7.95 3.14 0.37
C PHE B 49 8.25 4.42 1.15
N ARG B 50 9.03 4.28 2.22
CA ARG B 50 9.41 5.41 3.05
C ARG B 50 10.47 6.22 2.32
N VAL B 51 10.42 7.56 2.46
CA VAL B 51 11.45 8.44 1.91
C VAL B 51 12.03 9.28 3.04
N VAL B 52 13.21 8.88 3.52
CA VAL B 52 13.95 9.61 4.54
C VAL B 52 15.00 10.47 3.82
N TRP B 53 14.95 11.78 4.09
CA TRP B 53 15.85 12.77 3.51
C TRP B 53 16.15 13.84 4.57
N GLU B 54 17.17 14.67 4.33
CA GLU B 54 17.64 15.71 5.25
C GLU B 54 17.35 17.13 4.74
N ASN B 55 16.96 18.05 5.64
CA ASN B 55 16.72 19.43 5.27
C ASN B 55 18.02 20.23 5.48
N ASP B 56 18.02 21.50 5.06
CA ASP B 56 19.21 22.33 5.12
C ASP B 56 19.64 22.60 6.57
N LYS B 57 18.74 22.40 7.55
CA LYS B 57 19.07 22.58 8.95
C LYS B 57 19.70 21.30 9.51
N GLY B 58 19.56 20.19 8.76
CA GLY B 58 20.25 18.94 9.04
C GLY B 58 19.35 17.96 9.78
N GLU B 59 18.04 18.21 9.76
CA GLU B 59 17.07 17.38 10.47
C GLU B 59 16.50 16.28 9.58
N VAL B 60 16.37 15.07 10.15
CA VAL B 60 15.70 13.94 9.53
C VAL B 60 14.29 14.38 9.15
N GLN B 61 13.86 14.06 7.92
CA GLN B 61 12.51 14.26 7.44
C GLN B 61 12.00 12.93 6.87
N VAL B 62 10.67 12.74 6.80
CA VAL B 62 10.14 11.52 6.23
C VAL B 62 8.81 11.79 5.53
N ASN B 63 8.72 11.33 4.28
CA ASN B 63 7.50 11.37 3.50
C ASN B 63 7.17 9.97 3.05
N ARG B 64 6.01 9.78 2.40
CA ARG B 64 5.67 8.53 1.73
C ARG B 64 5.89 8.68 0.23
N GLY B 65 6.42 7.61 -0.38
CA GLY B 65 6.48 7.47 -1.82
C GLY B 65 5.49 6.41 -2.26
N PHE B 66 5.00 6.55 -3.49
CA PHE B 66 4.04 5.64 -4.09
C PHE B 66 4.39 5.54 -5.58
N ARG B 67 4.25 4.33 -6.16
CA ARG B 67 4.22 4.17 -7.61
C ARG B 67 3.15 3.14 -7.96
N VAL B 68 2.02 3.61 -8.51
CA VAL B 68 0.95 2.75 -8.98
C VAL B 68 1.34 2.33 -10.38
N GLN B 69 1.53 1.01 -10.59
CA GLN B 69 1.79 0.42 -11.88
C GLN B 69 0.55 -0.36 -12.29
N PHE B 70 -0.36 0.31 -13.02
CA PHE B 70 -1.75 -0.09 -13.16
C PHE B 70 -1.89 -1.17 -14.25
N ASN B 71 -1.44 -0.86 -15.48
CA ASN B 71 -1.70 -1.73 -16.62
C ASN B 71 -0.52 -1.66 -17.57
N SER B 72 -0.07 -2.83 -18.07
CA SER B 72 1.10 -2.94 -18.93
C SER B 72 0.80 -3.83 -20.15
N ALA B 73 -0.48 -4.03 -20.43
CA ALA B 73 -0.93 -4.83 -21.54
C ALA B 73 -0.50 -4.24 -22.89
N LEU B 74 -0.54 -2.89 -23.02
CA LEU B 74 -0.20 -2.23 -24.29
C LEU B 74 1.25 -1.74 -24.35
N GLY B 75 1.96 -1.72 -23.20
CA GLY B 75 3.33 -1.22 -23.12
C GLY B 75 3.90 -1.15 -21.68
N PRO B 76 5.16 -0.67 -21.50
CA PRO B 76 5.64 -0.36 -20.16
C PRO B 76 4.72 0.66 -19.50
N TYR B 77 4.58 0.53 -18.17
CA TYR B 77 3.93 1.52 -17.32
C TYR B 77 4.39 2.91 -17.74
N LYS B 78 3.42 3.81 -17.90
CA LYS B 78 3.68 5.19 -18.28
C LYS B 78 2.67 6.03 -17.50
N GLY B 79 3.11 7.17 -16.97
CA GLY B 79 2.40 7.89 -15.94
C GLY B 79 3.24 9.10 -15.56
N GLY B 80 3.17 9.56 -14.30
CA GLY B 80 3.82 10.80 -13.90
C GLY B 80 4.10 10.80 -12.40
N LEU B 81 5.01 11.66 -11.95
CA LEU B 81 5.26 11.79 -10.52
C LEU B 81 4.69 13.12 -10.06
N ARG B 82 3.85 13.08 -9.01
CA ARG B 82 3.25 14.27 -8.41
C ARG B 82 3.78 14.47 -7.00
N PHE B 83 4.49 15.59 -6.76
CA PHE B 83 4.87 15.95 -5.40
C PHE B 83 3.90 17.00 -4.89
N HIS B 84 2.95 16.56 -4.07
CA HIS B 84 1.94 17.44 -3.50
C HIS B 84 1.43 16.83 -2.19
N PRO B 85 1.25 17.64 -1.12
CA PRO B 85 0.93 17.11 0.21
C PRO B 85 -0.47 16.52 0.34
N SER B 86 -1.28 16.74 -0.71
CA SER B 86 -2.59 16.13 -0.87
C SER B 86 -2.52 14.62 -1.16
N VAL B 87 -1.35 14.17 -1.70
CA VAL B 87 -1.18 12.91 -2.44
C VAL B 87 -1.39 11.70 -1.54
N ASN B 88 -2.03 10.67 -2.09
CA ASN B 88 -2.13 9.35 -1.48
C ASN B 88 -2.37 8.31 -2.58
N LEU B 89 -2.74 7.08 -2.19
CA LEU B 89 -2.90 5.97 -3.12
C LEU B 89 -4.14 6.18 -3.96
N SER B 90 -5.24 6.52 -3.25
CA SER B 90 -6.55 6.77 -3.85
C SER B 90 -6.42 7.74 -5.02
N ILE B 91 -5.70 8.84 -4.79
CA ILE B 91 -5.58 9.90 -5.78
C ILE B 91 -4.71 9.39 -6.92
N LEU B 92 -3.61 8.70 -6.57
CA LEU B 92 -2.63 8.15 -7.50
C LEU B 92 -3.16 6.95 -8.29
N LYS B 93 -4.16 6.24 -7.77
CA LYS B 93 -4.86 5.21 -8.53
C LYS B 93 -5.87 5.86 -9.47
N PHE B 94 -6.54 6.92 -9.01
CA PHE B 94 -7.43 7.72 -9.83
C PHE B 94 -6.64 8.24 -11.04
N LEU B 95 -5.56 8.99 -10.82
CA LEU B 95 -4.82 9.60 -11.92
C LEU B 95 -4.19 8.50 -12.78
N GLY B 96 -3.74 7.43 -12.11
CA GLY B 96 -3.20 6.26 -12.79
C GLY B 96 -4.20 5.61 -13.73
N PHE B 97 -5.41 5.33 -13.20
CA PHE B 97 -6.51 4.69 -13.91
C PHE B 97 -6.77 5.42 -15.23
N GLU B 98 -6.81 6.77 -15.20
CA GLU B 98 -7.03 7.52 -16.43
C GLU B 98 -5.91 7.25 -17.44
N GLN B 99 -4.66 7.31 -16.97
CA GLN B 99 -3.49 7.25 -17.84
C GLN B 99 -3.47 6.00 -18.71
N ILE B 100 -4.12 4.95 -18.24
CA ILE B 100 -4.21 3.71 -19.01
C ILE B 100 -4.80 3.97 -20.41
N PHE B 101 -6.00 4.58 -20.41
CA PHE B 101 -6.87 4.71 -21.58
C PHE B 101 -6.43 5.88 -22.44
N LYS B 102 -6.10 6.99 -21.78
CA LYS B 102 -5.42 8.10 -22.40
C LYS B 102 -4.26 7.55 -23.24
N ASN B 103 -3.32 6.84 -22.59
CA ASN B 103 -2.09 6.36 -23.22
C ASN B 103 -2.44 5.43 -24.38
N ALA B 104 -3.50 4.64 -24.21
CA ALA B 104 -3.97 3.67 -25.19
C ALA B 104 -4.56 4.34 -26.44
N LEU B 105 -5.24 5.48 -26.26
CA LEU B 105 -5.78 6.30 -27.34
C LEU B 105 -4.68 6.93 -28.23
N THR B 106 -3.42 7.02 -27.72
CA THR B 106 -2.28 7.52 -28.49
C THR B 106 -1.96 6.59 -29.65
N GLY B 107 -2.23 5.27 -29.48
CA GLY B 107 -1.86 4.27 -30.47
C GLY B 107 -0.46 3.67 -30.27
N LEU B 108 0.45 4.43 -29.61
CA LEU B 108 1.76 3.94 -29.18
C LEU B 108 1.63 2.94 -28.03
N ASN B 109 2.69 2.13 -27.84
CA ASN B 109 2.69 1.04 -26.88
C ASN B 109 3.17 1.55 -25.53
N MET B 110 2.20 2.03 -24.73
CA MET B 110 2.44 2.55 -23.40
C MET B 110 1.28 2.14 -22.49
N GLY B 111 1.59 1.50 -21.36
CA GLY B 111 0.57 1.16 -20.39
C GLY B 111 0.25 2.36 -19.52
N GLY B 112 -0.22 2.11 -18.30
CA GLY B 112 -0.69 3.20 -17.47
C GLY B 112 -0.34 3.00 -16.00
N GLY B 113 0.30 4.03 -15.41
CA GLY B 113 0.52 4.09 -13.97
C GLY B 113 0.58 5.53 -13.45
N LYS B 114 1.04 5.70 -12.21
CA LYS B 114 1.25 7.01 -11.60
C LYS B 114 1.94 6.83 -10.26
N GLY B 115 2.67 7.87 -9.82
CA GLY B 115 3.40 7.83 -8.56
C GLY B 115 3.65 9.23 -8.03
N GLY B 116 4.45 9.33 -6.95
CA GLY B 116 4.72 10.60 -6.30
C GLY B 116 4.80 10.50 -4.79
N SER B 117 4.65 11.66 -4.13
CA SER B 117 4.90 11.86 -2.71
C SER B 117 4.02 12.97 -2.15
N ASP B 118 3.86 13.00 -0.82
CA ASP B 118 3.23 14.09 -0.09
C ASP B 118 4.30 15.06 0.37
N PHE B 119 5.51 14.89 -0.18
CA PHE B 119 6.56 15.89 -0.12
C PHE B 119 6.00 17.16 -0.79
N ASP B 120 6.02 18.28 -0.04
CA ASP B 120 5.48 19.56 -0.44
C ASP B 120 6.64 20.46 -0.87
N PRO B 121 6.88 20.60 -2.20
CA PRO B 121 7.87 21.57 -2.72
C PRO B 121 7.83 22.95 -2.07
N LYS B 122 6.61 23.46 -1.83
CA LYS B 122 6.44 24.86 -1.40
C LYS B 122 7.24 25.10 -0.11
N GLY B 123 8.04 26.17 -0.10
CA GLY B 123 8.91 26.48 1.03
C GLY B 123 10.31 25.90 0.87
N LYS B 124 10.44 24.76 0.18
CA LYS B 124 11.66 23.99 0.20
C LYS B 124 12.65 24.61 -0.77
N SER B 125 13.95 24.55 -0.44
CA SER B 125 15.03 25.06 -1.27
C SER B 125 15.35 24.08 -2.39
N ASP B 126 16.21 24.48 -3.35
CA ASP B 126 16.63 23.59 -4.43
C ASP B 126 17.46 22.44 -3.87
N SER B 127 18.25 22.68 -2.82
CA SER B 127 19.06 21.64 -2.21
C SER B 127 18.17 20.58 -1.53
N GLU B 128 17.08 21.06 -0.89
CA GLU B 128 16.13 20.18 -0.25
C GLU B 128 15.48 19.27 -1.30
N ILE B 129 14.98 19.88 -2.38
CA ILE B 129 14.38 19.16 -3.50
C ILE B 129 15.37 18.12 -4.02
N ARG B 130 16.59 18.57 -4.35
CA ARG B 130 17.67 17.71 -4.80
C ARG B 130 17.88 16.51 -3.87
N ARG B 131 17.84 16.73 -2.53
CA ARG B 131 18.11 15.67 -1.56
C ARG B 131 16.86 14.82 -1.33
N PHE B 132 15.67 15.34 -1.62
CA PHE B 132 14.46 14.52 -1.63
C PHE B 132 14.36 13.66 -2.91
N CYS B 133 14.63 14.23 -4.10
CA CYS B 133 14.52 13.49 -5.35
C CYS B 133 15.44 12.27 -5.32
N VAL B 134 16.62 12.48 -4.73
CA VAL B 134 17.67 11.48 -4.57
C VAL B 134 17.22 10.36 -3.63
N ALA B 135 16.59 10.74 -2.50
CA ALA B 135 16.14 9.79 -1.49
C ALA B 135 14.99 8.95 -2.05
N PHE B 136 14.19 9.57 -2.93
CA PHE B 136 12.97 8.99 -3.49
C PHE B 136 13.31 7.85 -4.45
N MET B 137 14.20 8.17 -5.41
CA MET B 137 14.59 7.32 -6.53
C MET B 137 15.50 6.20 -6.06
N THR B 138 16.06 6.32 -4.85
CA THR B 138 16.88 5.27 -4.31
C THR B 138 16.02 4.03 -4.10
N GLU B 139 14.77 4.19 -3.65
CA GLU B 139 13.88 3.04 -3.56
C GLU B 139 13.22 2.77 -4.90
N LEU B 140 12.61 3.80 -5.52
CA LEU B 140 11.86 3.63 -6.76
C LEU B 140 12.69 2.87 -7.80
N CYS B 141 14.00 3.18 -7.87
CA CYS B 141 14.86 2.79 -8.97
C CYS B 141 14.66 1.33 -9.38
N ARG B 142 14.58 0.44 -8.37
CA ARG B 142 14.50 -1.00 -8.59
C ARG B 142 13.20 -1.41 -9.29
N HIS B 143 12.18 -0.57 -9.35
CA HIS B 143 10.86 -1.07 -9.72
C HIS B 143 10.46 -0.59 -11.11
N ILE B 144 11.33 0.25 -11.71
CA ILE B 144 11.08 0.97 -12.95
C ILE B 144 12.22 0.73 -13.92
N GLY B 145 12.05 1.24 -15.15
CA GLY B 145 13.10 1.13 -16.16
C GLY B 145 12.61 1.48 -17.57
N ALA B 146 13.57 1.64 -18.49
CA ALA B 146 13.29 1.96 -19.89
C ALA B 146 12.22 1.05 -20.51
N ASP B 147 12.11 -0.22 -20.07
CA ASP B 147 11.23 -1.18 -20.72
C ASP B 147 10.13 -1.74 -19.80
N THR B 148 10.08 -1.21 -18.57
CA THR B 148 9.26 -1.70 -17.47
C THR B 148 8.30 -0.62 -17.00
N ASP B 149 8.87 0.54 -16.60
CA ASP B 149 8.09 1.71 -16.22
C ASP B 149 8.87 2.99 -16.50
N VAL B 150 8.30 3.88 -17.32
CA VAL B 150 8.91 5.17 -17.62
C VAL B 150 8.09 6.31 -17.00
N PRO B 151 8.42 6.77 -15.76
CA PRO B 151 7.72 7.89 -15.12
C PRO B 151 7.91 9.21 -15.87
N ALA B 152 7.24 10.27 -15.39
CA ALA B 152 7.38 11.60 -15.95
C ALA B 152 7.08 12.68 -14.91
N GLY B 153 6.96 13.92 -15.45
CA GLY B 153 6.58 15.11 -14.71
C GLY B 153 5.07 15.24 -14.52
N ASP B 154 4.72 16.01 -13.47
CA ASP B 154 3.34 16.31 -13.06
C ASP B 154 3.42 17.44 -12.03
N ILE B 155 2.34 17.70 -11.26
CA ILE B 155 2.33 18.76 -10.25
C ILE B 155 3.38 18.41 -9.20
N GLY B 156 4.33 19.34 -9.00
CA GLY B 156 5.37 19.21 -7.98
C GLY B 156 6.72 18.85 -8.57
N VAL B 157 6.72 18.28 -9.79
CA VAL B 157 7.94 17.75 -10.36
C VAL B 157 8.10 18.17 -11.83
N THR B 158 9.22 18.85 -12.13
CA THR B 158 9.41 19.49 -13.43
C THR B 158 10.77 19.09 -14.00
N GLY B 159 11.16 19.70 -15.10
CA GLY B 159 12.51 19.51 -15.62
C GLY B 159 13.56 19.44 -14.51
N ARG B 160 13.41 20.30 -13.49
CA ARG B 160 14.33 20.37 -12.37
C ARG B 160 14.46 19.02 -11.68
N GLU B 161 13.30 18.48 -11.27
CA GLU B 161 13.21 17.30 -10.43
C GLU B 161 13.56 16.08 -11.27
N ILE B 162 13.09 16.06 -12.54
CA ILE B 162 13.33 14.99 -13.51
C ILE B 162 14.84 14.83 -13.70
N GLY B 163 15.56 15.97 -13.67
CA GLY B 163 17.01 15.98 -13.73
C GLY B 163 17.61 15.20 -12.57
N TYR B 164 17.24 15.61 -11.36
CA TYR B 164 17.78 15.01 -10.16
C TYR B 164 17.38 13.54 -10.09
N LEU B 165 16.13 13.22 -10.46
CA LEU B 165 15.69 11.84 -10.51
C LEU B 165 16.59 11.05 -11.47
N PHE B 166 16.81 11.57 -12.69
CA PHE B 166 17.51 10.81 -13.71
C PHE B 166 18.97 10.61 -13.31
N GLY B 167 19.58 11.61 -12.63
CA GLY B 167 20.96 11.49 -12.20
C GLY B 167 21.14 10.34 -11.20
N GLN B 168 20.19 10.18 -10.27
CA GLN B 168 20.31 9.20 -9.21
C GLN B 168 20.03 7.79 -9.75
N TYR B 169 19.01 7.66 -10.58
CA TYR B 169 18.79 6.45 -11.37
C TYR B 169 20.08 6.03 -12.09
N ARG B 170 20.61 6.90 -12.94
CA ARG B 170 21.81 6.62 -13.73
C ARG B 170 22.92 6.05 -12.86
N LYS B 171 23.09 6.65 -11.67
CA LYS B 171 24.21 6.35 -10.78
C LYS B 171 23.93 5.05 -10.03
N LEU B 172 22.65 4.69 -9.83
CA LEU B 172 22.32 3.44 -9.16
C LEU B 172 22.40 2.28 -10.16
N ARG B 173 21.72 2.48 -11.28
CA ARG B 173 21.58 1.48 -12.32
C ARG B 173 22.86 1.37 -13.15
N ASN B 174 23.69 2.42 -13.17
CA ASN B 174 24.87 2.47 -14.04
C ASN B 174 24.43 2.31 -15.50
N SER B 175 23.42 3.10 -15.90
CA SER B 175 22.82 2.94 -17.21
C SER B 175 22.28 4.27 -17.71
N TRP B 176 22.54 4.61 -18.99
CA TRP B 176 21.89 5.71 -19.66
C TRP B 176 20.76 5.19 -20.57
N GLU B 177 19.51 5.32 -20.11
CA GLU B 177 18.34 4.77 -20.76
C GLU B 177 17.14 5.69 -20.56
N GLY B 178 16.13 5.58 -21.43
CA GLY B 178 14.95 6.44 -21.38
C GLY B 178 14.00 6.04 -20.25
N VAL B 179 14.50 6.07 -19.00
CA VAL B 179 13.73 5.69 -17.81
C VAL B 179 12.72 6.78 -17.42
N LEU B 180 12.98 8.04 -17.80
CA LEU B 180 12.13 9.18 -17.48
C LEU B 180 11.95 10.01 -18.75
N THR B 181 10.75 10.57 -18.95
CA THR B 181 10.52 11.55 -19.99
C THR B 181 10.47 12.95 -19.36
N GLY B 182 10.43 14.02 -20.18
CA GLY B 182 10.51 15.38 -19.68
C GLY B 182 11.96 15.85 -19.54
N LYS B 183 12.87 15.23 -20.29
CA LYS B 183 14.29 15.39 -20.03
C LYS B 183 14.80 16.64 -20.72
N GLY B 184 15.96 17.14 -20.27
CA GLY B 184 16.65 18.28 -20.87
C GLY B 184 17.14 17.97 -22.28
N GLY B 185 17.36 19.03 -23.07
CA GLY B 185 17.81 18.96 -24.46
C GLY B 185 19.06 18.10 -24.62
N SER B 186 20.03 18.24 -23.71
CA SER B 186 21.36 17.68 -23.88
C SER B 186 21.47 16.22 -23.42
N TRP B 187 20.44 15.71 -22.72
CA TRP B 187 20.44 14.38 -22.12
C TRP B 187 19.12 13.64 -22.39
N GLY B 188 18.68 13.69 -23.66
CA GLY B 188 17.62 12.83 -24.15
C GLY B 188 16.24 13.46 -24.12
N GLY B 189 16.12 14.80 -24.10
CA GLY B 189 14.84 15.47 -24.28
C GLY B 189 14.31 15.40 -25.72
N SER B 190 13.02 15.68 -25.91
CA SER B 190 12.46 15.84 -27.25
C SER B 190 12.02 17.28 -27.49
N LEU B 191 12.18 17.76 -28.74
CA LEU B 191 11.58 19.00 -29.20
C LEU B 191 10.08 18.77 -29.29
N ILE B 192 9.31 19.86 -29.18
CA ILE B 192 7.86 19.87 -29.09
C ILE B 192 7.34 19.37 -27.73
N ARG B 193 8.22 19.03 -26.78
N ARG B 193 8.22 19.03 -26.78
CA ARG B 193 7.77 18.66 -25.45
CA ARG B 193 7.77 18.66 -25.44
C ARG B 193 7.04 19.83 -24.76
C ARG B 193 7.06 19.83 -24.74
N PRO B 194 7.65 21.05 -24.69
CA PRO B 194 7.00 22.20 -24.07
C PRO B 194 5.67 22.48 -24.76
N GLU B 195 5.62 22.30 -26.08
CA GLU B 195 4.45 22.74 -26.83
C GLU B 195 3.55 21.57 -27.19
N ALA B 196 3.77 20.39 -26.61
CA ALA B 196 3.09 19.18 -27.05
C ALA B 196 1.58 19.20 -26.74
N THR B 197 1.19 19.50 -25.49
CA THR B 197 -0.19 19.30 -25.04
C THR B 197 -1.09 20.35 -25.66
N GLY B 198 -0.56 21.59 -25.69
CA GLY B 198 -1.19 22.77 -26.30
C GLY B 198 -1.49 22.55 -27.78
N TYR B 199 -0.45 22.20 -28.54
CA TYR B 199 -0.58 21.89 -29.95
C TYR B 199 -1.57 20.76 -30.15
N GLY B 200 -1.53 19.78 -29.23
CA GLY B 200 -2.32 18.56 -29.32
C GLY B 200 -3.81 18.83 -29.15
N VAL B 201 -4.16 19.81 -28.27
CA VAL B 201 -5.56 20.18 -28.01
C VAL B 201 -6.10 20.90 -29.26
N VAL B 202 -5.35 21.89 -29.75
CA VAL B 202 -5.73 22.66 -30.93
C VAL B 202 -5.89 21.73 -32.14
N TYR B 203 -4.93 20.83 -32.34
CA TYR B 203 -4.98 19.91 -33.46
C TYR B 203 -6.22 19.01 -33.37
N TYR B 204 -6.64 18.67 -32.15
CA TYR B 204 -7.74 17.75 -31.94
C TYR B 204 -9.05 18.43 -32.34
N VAL B 205 -9.18 19.70 -31.93
CA VAL B 205 -10.38 20.49 -32.14
C VAL B 205 -10.54 20.80 -33.63
N GLU B 206 -9.40 21.03 -34.31
CA GLU B 206 -9.38 21.26 -35.76
C GLU B 206 -10.28 20.20 -36.40
N HIS B 207 -10.10 18.94 -35.99
CA HIS B 207 -10.88 17.82 -36.47
C HIS B 207 -12.35 17.90 -36.03
N MET B 208 -12.58 18.25 -34.76
CA MET B 208 -13.93 18.49 -34.25
C MET B 208 -14.67 19.44 -35.21
N ILE B 209 -14.07 20.60 -35.46
CA ILE B 209 -14.67 21.63 -36.28
C ILE B 209 -14.98 21.06 -37.66
N ALA B 210 -13.98 20.42 -38.28
CA ALA B 210 -14.13 19.82 -39.60
C ALA B 210 -15.37 18.91 -39.67
N HIS B 211 -15.52 18.00 -38.69
CA HIS B 211 -16.58 17.00 -38.74
C HIS B 211 -17.93 17.69 -38.61
N ALA B 212 -18.12 18.35 -37.47
CA ALA B 212 -19.30 19.11 -37.15
C ALA B 212 -19.78 19.99 -38.32
N THR B 213 -18.86 20.72 -38.98
CA THR B 213 -19.24 21.71 -39.99
C THR B 213 -19.07 21.15 -41.41
N ASN B 214 -18.75 19.85 -41.53
CA ASN B 214 -18.51 19.17 -42.80
C ASN B 214 -17.43 19.90 -43.61
N GLY B 215 -16.47 20.53 -42.93
CA GLY B 215 -15.41 21.28 -43.62
C GLY B 215 -15.72 22.77 -43.78
N ALA B 216 -16.97 23.19 -43.53
CA ALA B 216 -17.38 24.57 -43.77
C ALA B 216 -16.61 25.58 -42.92
N GLU B 217 -15.89 25.11 -41.89
CA GLU B 217 -15.26 26.00 -40.91
C GLU B 217 -13.97 25.35 -40.42
N SER B 218 -12.93 26.19 -40.26
CA SER B 218 -11.68 25.82 -39.62
C SER B 218 -11.59 26.57 -38.30
N PHE B 219 -10.37 26.76 -37.77
CA PHE B 219 -10.11 27.68 -36.68
C PHE B 219 -10.08 29.14 -37.16
N ALA B 220 -9.85 29.36 -38.47
CA ALA B 220 -9.72 30.71 -39.01
C ALA B 220 -10.97 31.54 -38.68
N GLY B 221 -10.77 32.74 -38.12
CA GLY B 221 -11.86 33.68 -37.88
C GLY B 221 -12.79 33.26 -36.73
N LYS B 222 -12.32 32.32 -35.89
CA LYS B 222 -13.07 31.83 -34.75
C LYS B 222 -12.54 32.56 -33.53
N ARG B 223 -13.44 32.82 -32.57
CA ARG B 223 -13.06 33.40 -31.30
C ARG B 223 -12.83 32.25 -30.32
N VAL B 224 -11.61 32.15 -29.78
CA VAL B 224 -11.24 31.03 -28.93
C VAL B 224 -10.82 31.55 -27.55
N ALA B 225 -11.54 31.07 -26.51
CA ALA B 225 -11.27 31.44 -25.12
C ALA B 225 -10.28 30.48 -24.43
N ILE B 226 -9.08 31.00 -24.11
CA ILE B 226 -8.09 30.24 -23.38
C ILE B 226 -7.99 30.79 -21.94
N SER B 227 -7.59 29.91 -21.02
CA SER B 227 -7.14 30.26 -19.67
C SER B 227 -5.75 29.66 -19.45
N GLY B 228 -4.98 30.24 -18.52
CA GLY B 228 -3.64 29.77 -18.20
C GLY B 228 -2.59 30.53 -19.00
N SER B 229 -1.33 30.55 -18.51
CA SER B 229 -0.25 31.27 -19.20
C SER B 229 1.07 30.50 -19.16
N GLY B 230 1.00 29.22 -18.77
CA GLY B 230 2.11 28.30 -18.92
C GLY B 230 2.23 27.87 -20.38
N ASN B 231 3.20 26.98 -20.66
CA ASN B 231 3.57 26.58 -22.00
C ASN B 231 2.38 25.93 -22.71
N VAL B 232 1.35 25.53 -21.95
CA VAL B 232 0.17 24.89 -22.54
C VAL B 232 -0.71 25.96 -23.19
N ALA B 233 -1.07 26.98 -22.42
CA ALA B 233 -1.93 28.05 -22.90
C ALA B 233 -1.19 28.85 -23.95
N GLN B 234 0.14 28.95 -23.80
CA GLN B 234 0.97 29.74 -24.70
C GLN B 234 1.00 29.12 -26.10
N TYR B 235 1.30 27.82 -26.16
CA TYR B 235 1.50 27.18 -27.45
C TYR B 235 0.13 26.99 -28.09
N ALA B 236 -0.86 26.59 -27.29
CA ALA B 236 -2.23 26.46 -27.78
C ALA B 236 -2.63 27.73 -28.56
N ALA B 237 -2.42 28.88 -27.90
CA ALA B 237 -2.76 30.20 -28.41
C ALA B 237 -2.05 30.48 -29.72
N LEU B 238 -0.71 30.34 -29.71
CA LEU B 238 0.12 30.53 -30.89
C LEU B 238 -0.41 29.72 -32.07
N LYS B 239 -0.76 28.45 -31.81
CA LYS B 239 -1.21 27.54 -32.84
C LYS B 239 -2.56 28.00 -33.39
N VAL B 240 -3.42 28.57 -32.53
CA VAL B 240 -4.68 29.15 -32.99
C VAL B 240 -4.40 30.31 -33.94
N ILE B 241 -3.38 31.12 -33.63
CA ILE B 241 -3.08 32.30 -34.40
C ILE B 241 -2.62 31.89 -35.80
N GLU B 242 -1.68 30.93 -35.86
CA GLU B 242 -1.14 30.40 -37.10
C GLU B 242 -2.26 29.97 -38.03
N LEU B 243 -3.26 29.25 -37.49
CA LEU B 243 -4.37 28.70 -38.28
C LEU B 243 -5.44 29.74 -38.59
N GLY B 244 -5.18 31.01 -38.24
CA GLY B 244 -6.04 32.11 -38.64
C GLY B 244 -7.15 32.41 -37.62
N GLY B 245 -6.96 31.97 -36.36
CA GLY B 245 -7.96 32.16 -35.31
C GLY B 245 -7.59 33.33 -34.41
N ARG B 246 -8.57 33.81 -33.60
CA ARG B 246 -8.40 34.96 -32.72
C ARG B 246 -8.50 34.52 -31.26
N VAL B 247 -7.43 34.76 -30.47
CA VAL B 247 -7.35 34.38 -29.06
C VAL B 247 -7.77 35.59 -28.20
N VAL B 248 -8.87 35.44 -27.46
CA VAL B 248 -9.53 36.54 -26.79
C VAL B 248 -9.05 36.63 -25.33
N SER B 249 -8.57 35.53 -24.73
CA SER B 249 -8.41 35.47 -23.28
C SER B 249 -7.14 34.74 -22.88
N LEU B 250 -6.45 35.22 -21.83
CA LEU B 250 -5.51 34.40 -21.05
C LEU B 250 -5.77 34.66 -19.56
N SER B 251 -5.19 33.83 -18.68
CA SER B 251 -5.40 33.95 -17.24
C SER B 251 -4.17 33.49 -16.47
N ASP B 252 -4.07 33.97 -15.21
CA ASP B 252 -3.15 33.48 -14.19
C ASP B 252 -3.99 33.21 -12.93
N SER B 253 -3.32 32.78 -11.86
CA SER B 253 -3.98 32.42 -10.61
C SER B 253 -4.60 33.64 -9.92
N GLN B 254 -4.23 34.86 -10.34
CA GLN B 254 -4.72 36.08 -9.69
C GLN B 254 -5.82 36.79 -10.49
N GLY B 255 -6.33 36.16 -11.58
CA GLY B 255 -7.33 36.79 -12.43
C GLY B 255 -6.96 36.67 -13.91
N SER B 256 -7.83 37.17 -14.81
CA SER B 256 -7.66 36.94 -16.24
C SER B 256 -7.56 38.25 -17.02
N LEU B 257 -7.08 38.14 -18.27
CA LEU B 257 -6.93 39.24 -19.22
C LEU B 257 -7.80 38.97 -20.44
N ILE B 258 -8.70 39.90 -20.76
CA ILE B 258 -9.62 39.75 -21.88
C ILE B 258 -9.35 40.85 -22.92
N VAL B 259 -9.35 40.45 -24.21
CA VAL B 259 -9.19 41.36 -25.34
C VAL B 259 -10.51 42.05 -25.62
N LYS B 260 -10.49 43.38 -25.84
CA LYS B 260 -11.71 44.11 -26.16
C LYS B 260 -11.49 45.40 -26.98
N ASP B 261 -10.26 45.90 -27.14
CA ASP B 261 -10.04 47.01 -28.07
C ASP B 261 -9.80 46.46 -29.47
N LYS B 262 -8.79 45.59 -29.57
CA LYS B 262 -8.43 44.92 -30.81
C LYS B 262 -9.05 43.51 -30.80
N ASP B 263 -8.81 42.75 -31.87
CA ASP B 263 -9.51 41.51 -32.14
C ASP B 263 -8.91 40.35 -31.32
N SER B 264 -7.56 40.28 -31.28
CA SER B 264 -6.84 39.15 -30.71
C SER B 264 -5.52 39.55 -30.04
N PHE B 265 -5.00 38.67 -29.18
CA PHE B 265 -3.62 38.74 -28.70
C PHE B 265 -2.68 38.53 -29.90
N THR B 266 -1.53 39.21 -29.86
CA THR B 266 -0.52 39.06 -30.89
C THR B 266 0.53 38.13 -30.31
N PRO B 267 1.24 37.32 -31.11
CA PRO B 267 2.35 36.52 -30.59
C PRO B 267 3.23 37.25 -29.57
N ALA B 268 3.55 38.53 -29.83
CA ALA B 268 4.48 39.28 -28.98
C ALA B 268 3.85 39.59 -27.62
N GLU B 269 2.53 39.75 -27.60
CA GLU B 269 1.78 39.91 -26.36
C GLU B 269 1.77 38.61 -25.57
N ILE B 270 1.64 37.47 -26.28
CA ILE B 270 1.84 36.15 -25.68
C ILE B 270 3.30 36.00 -25.23
N ASP B 271 4.22 36.39 -26.12
CA ASP B 271 5.64 36.26 -25.88
C ASP B 271 6.06 37.08 -24.66
N ALA B 272 5.29 38.12 -24.34
CA ALA B 272 5.64 39.03 -23.26
C ALA B 272 5.10 38.49 -21.93
N ILE B 273 4.04 37.67 -21.98
CA ILE B 273 3.50 37.02 -20.80
C ILE B 273 4.38 35.81 -20.43
N ALA B 274 5.15 35.31 -21.40
CA ALA B 274 6.11 34.25 -21.13
C ALA B 274 7.26 34.78 -20.28
N ALA B 275 7.71 36.00 -20.60
CA ALA B 275 8.68 36.73 -19.80
C ALA B 275 8.14 37.04 -18.40
N LEU B 276 6.81 37.20 -18.31
CA LEU B 276 6.14 37.49 -17.05
C LEU B 276 6.02 36.22 -16.20
N LYS B 277 6.31 35.04 -16.76
CA LYS B 277 6.24 33.78 -16.02
C LYS B 277 7.62 33.37 -15.52
N VAL B 278 8.64 33.50 -16.36
CA VAL B 278 10.00 33.35 -15.89
C VAL B 278 10.24 34.51 -14.94
N ASP B 279 11.21 34.35 -14.02
CA ASP B 279 11.54 35.39 -13.04
C ASP B 279 10.26 35.89 -12.35
N ARG B 280 9.45 34.95 -11.84
CA ARG B 280 8.12 35.21 -11.29
C ARG B 280 7.38 36.20 -12.20
N LYS B 281 6.77 37.26 -11.63
CA LYS B 281 5.95 38.24 -12.32
C LYS B 281 4.57 37.65 -12.63
N GLN B 282 3.66 38.47 -13.17
CA GLN B 282 2.24 38.18 -13.25
C GLN B 282 1.64 38.70 -14.56
N ILE B 283 0.52 38.12 -14.99
CA ILE B 283 -0.10 38.52 -16.24
C ILE B 283 -0.46 40.00 -16.15
N ALA B 284 -0.86 40.43 -14.95
CA ALA B 284 -1.31 41.80 -14.69
C ALA B 284 -0.29 42.83 -15.19
N GLU B 285 0.95 42.68 -14.73
CA GLU B 285 2.10 43.50 -15.12
C GLU B 285 1.98 43.98 -16.58
N LEU B 286 1.63 43.08 -17.50
CA LEU B 286 1.58 43.36 -18.94
C LEU B 286 0.77 44.65 -19.18
N VAL B 287 -0.43 44.71 -18.60
CA VAL B 287 -1.31 45.86 -18.75
C VAL B 287 -0.81 46.96 -17.83
N THR B 288 -1.13 48.21 -18.19
CA THR B 288 -0.66 49.42 -17.52
C THR B 288 0.63 49.92 -18.20
N ASP B 289 1.03 49.31 -19.33
CA ASP B 289 2.35 49.54 -19.91
C ASP B 289 2.22 49.94 -21.38
N ALA B 290 3.01 49.33 -22.28
CA ALA B 290 3.17 49.80 -23.64
C ALA B 290 1.88 49.66 -24.45
N ALA B 291 0.93 50.57 -24.20
CA ALA B 291 -0.34 50.65 -24.93
C ALA B 291 -1.27 49.49 -24.61
N PHE B 292 -0.81 48.54 -23.78
CA PHE B 292 -1.58 47.37 -23.41
C PHE B 292 -2.78 47.80 -22.54
N ALA B 293 -2.67 48.99 -21.93
CA ALA B 293 -3.73 49.58 -21.12
C ALA B 293 -5.05 49.60 -21.89
N ASP B 294 -5.01 50.03 -23.17
CA ASP B 294 -6.21 50.19 -23.97
C ASP B 294 -6.71 48.82 -24.44
N LYS B 295 -5.81 47.98 -24.96
CA LYS B 295 -6.19 46.76 -25.64
C LYS B 295 -6.99 45.85 -24.72
N PHE B 296 -6.52 45.70 -23.46
CA PHE B 296 -6.90 44.61 -22.58
C PHE B 296 -7.61 45.10 -21.32
N THR B 297 -8.61 44.30 -20.90
CA THR B 297 -9.32 44.46 -19.63
C THR B 297 -8.86 43.37 -18.67
N TYR B 298 -8.41 43.78 -17.47
CA TYR B 298 -8.03 42.86 -16.41
C TYR B 298 -9.14 42.80 -15.37
N LEU B 299 -9.49 41.57 -14.98
CA LEU B 299 -10.47 41.33 -13.93
C LEU B 299 -9.81 40.42 -12.89
N PRO B 300 -9.25 40.96 -11.81
CA PRO B 300 -8.59 40.12 -10.81
C PRO B 300 -9.63 39.22 -10.15
N GLY B 301 -9.20 38.07 -9.63
CA GLY B 301 -10.05 37.19 -8.86
C GLY B 301 -10.98 36.28 -9.68
N GLN B 302 -11.09 36.49 -11.00
CA GLN B 302 -12.13 35.88 -11.83
C GLN B 302 -11.53 34.96 -12.90
N ARG B 303 -12.39 34.20 -13.61
CA ARG B 303 -11.96 33.34 -14.71
C ARG B 303 -12.72 33.69 -15.99
N PRO B 304 -12.08 33.59 -17.19
CA PRO B 304 -12.61 34.22 -18.42
C PRO B 304 -13.94 33.72 -18.98
N TRP B 305 -14.44 32.59 -18.46
CA TRP B 305 -15.47 31.85 -19.17
C TRP B 305 -16.68 32.74 -19.47
N VAL B 306 -17.03 33.65 -18.53
CA VAL B 306 -18.15 34.56 -18.69
C VAL B 306 -17.73 35.92 -19.28
N HIS B 307 -16.44 36.28 -19.17
CA HIS B 307 -16.01 37.64 -19.40
C HIS B 307 -15.39 37.80 -20.78
N VAL B 308 -15.85 36.97 -21.73
CA VAL B 308 -15.21 36.88 -23.04
C VAL B 308 -16.18 37.36 -24.13
N GLY B 309 -17.49 37.31 -23.83
CA GLY B 309 -18.50 37.75 -24.78
C GLY B 309 -19.05 36.57 -25.56
N ALA B 310 -19.17 36.73 -26.88
CA ALA B 310 -19.58 35.63 -27.74
C ALA B 310 -18.34 34.91 -28.28
N VAL B 311 -18.07 33.68 -27.81
CA VAL B 311 -16.92 32.91 -28.25
C VAL B 311 -17.34 31.63 -28.99
N ASP B 312 -16.38 31.00 -29.65
CA ASP B 312 -16.61 29.83 -30.47
C ASP B 312 -15.89 28.61 -29.90
N VAL B 313 -14.66 28.81 -29.41
CA VAL B 313 -13.89 27.69 -28.91
C VAL B 313 -13.32 28.04 -27.53
N ALA B 314 -13.30 27.05 -26.64
CA ALA B 314 -12.86 27.21 -25.26
C ALA B 314 -11.76 26.21 -24.93
N LEU B 315 -10.61 26.70 -24.44
CA LEU B 315 -9.48 25.82 -24.18
C LEU B 315 -8.97 26.06 -22.76
N PRO B 316 -9.60 25.44 -21.73
CA PRO B 316 -9.15 25.58 -20.35
C PRO B 316 -7.74 25.01 -20.27
N SER B 317 -6.76 25.82 -19.85
CA SER B 317 -5.40 25.34 -19.92
C SER B 317 -4.62 25.67 -18.64
N ALA B 318 -5.36 25.82 -17.52
CA ALA B 318 -4.83 26.31 -16.25
C ALA B 318 -4.83 25.24 -15.15
N THR B 319 -5.99 24.89 -14.58
CA THR B 319 -6.04 24.00 -13.43
C THR B 319 -7.11 22.94 -13.66
N GLN B 320 -7.18 22.03 -12.69
CA GLN B 320 -8.29 21.12 -12.51
C GLN B 320 -9.55 21.92 -12.23
N ASN B 321 -10.69 21.34 -12.60
CA ASN B 321 -11.99 21.82 -12.14
C ASN B 321 -12.08 23.33 -12.30
N GLU B 322 -11.61 23.86 -13.43
CA GLU B 322 -11.65 25.29 -13.72
C GLU B 322 -12.85 25.66 -14.62
N VAL B 323 -13.76 24.70 -14.89
CA VAL B 323 -14.99 24.95 -15.61
C VAL B 323 -16.14 24.25 -14.88
N SER B 324 -16.99 25.07 -14.24
CA SER B 324 -18.18 24.61 -13.52
C SER B 324 -19.39 24.53 -14.44
N GLY B 325 -20.49 24.04 -13.88
CA GLY B 325 -21.77 23.95 -14.58
C GLY B 325 -22.30 25.32 -15.04
N GLU B 326 -22.01 26.37 -14.26
CA GLU B 326 -22.39 27.73 -14.64
C GLU B 326 -21.57 28.16 -15.86
N GLU B 327 -20.27 27.91 -15.83
CA GLU B 327 -19.37 28.40 -16.87
C GLU B 327 -19.64 27.67 -18.17
N ALA B 328 -20.15 26.44 -18.08
CA ALA B 328 -20.54 25.69 -19.25
C ALA B 328 -21.84 26.24 -19.85
N GLN B 329 -22.71 26.76 -18.99
CA GLN B 329 -24.01 27.27 -19.40
C GLN B 329 -23.81 28.67 -19.95
N ALA B 330 -22.88 29.40 -19.34
CA ALA B 330 -22.42 30.69 -19.83
C ALA B 330 -21.95 30.55 -21.28
N LEU B 331 -21.06 29.57 -21.49
CA LEU B 331 -20.40 29.31 -22.76
C LEU B 331 -21.44 28.92 -23.81
N ILE B 332 -22.33 28.00 -23.44
CA ILE B 332 -23.38 27.57 -24.34
C ILE B 332 -24.12 28.81 -24.84
N ALA B 333 -24.61 29.63 -23.88
CA ALA B 333 -25.35 30.86 -24.13
C ALA B 333 -24.53 31.88 -24.90
N ALA B 334 -23.20 31.82 -24.75
CA ALA B 334 -22.27 32.70 -25.43
C ALA B 334 -21.96 32.21 -26.86
N GLY B 335 -22.64 31.17 -27.32
CA GLY B 335 -22.46 30.70 -28.68
C GLY B 335 -21.27 29.74 -28.87
N CYS B 336 -20.65 29.25 -27.77
CA CYS B 336 -19.53 28.30 -27.83
C CYS B 336 -20.02 26.99 -28.42
N LYS B 337 -19.23 26.37 -29.30
CA LYS B 337 -19.66 25.15 -29.96
C LYS B 337 -18.61 24.03 -29.84
N PHE B 338 -17.44 24.33 -29.24
CA PHE B 338 -16.26 23.47 -29.24
C PHE B 338 -15.44 23.72 -27.97
N ILE B 339 -15.30 22.69 -27.12
CA ILE B 339 -14.46 22.80 -25.95
C ILE B 339 -13.70 21.50 -25.72
N ALA B 340 -12.38 21.62 -25.56
CA ALA B 340 -11.54 20.58 -24.99
C ALA B 340 -10.54 21.19 -24.00
N GLU B 341 -9.95 20.33 -23.16
CA GLU B 341 -9.05 20.74 -22.09
C GLU B 341 -7.60 20.69 -22.54
N GLY B 342 -6.86 21.79 -22.32
CA GLY B 342 -5.41 21.81 -22.34
C GLY B 342 -4.83 21.46 -20.97
N SER B 343 -5.61 21.75 -19.91
CA SER B 343 -5.35 21.36 -18.53
C SER B 343 -5.95 19.99 -18.23
N ASN B 344 -5.43 19.30 -17.19
CA ASN B 344 -5.84 17.95 -16.84
C ASN B 344 -7.11 18.05 -15.99
N MET B 345 -8.22 17.48 -16.51
CA MET B 345 -9.54 17.51 -15.88
C MET B 345 -9.97 18.94 -15.53
N GLY B 346 -9.65 19.89 -16.41
CA GLY B 346 -10.06 21.28 -16.22
C GLY B 346 -11.57 21.35 -16.03
N CYS B 347 -12.32 20.61 -16.86
CA CYS B 347 -13.77 20.63 -16.81
C CYS B 347 -14.28 19.65 -15.77
N THR B 348 -15.28 20.11 -15.01
CA THR B 348 -15.91 19.35 -13.94
C THR B 348 -16.92 18.42 -14.57
N GLN B 349 -17.35 17.41 -13.81
CA GLN B 349 -18.41 16.51 -14.27
C GLN B 349 -19.65 17.33 -14.66
N ALA B 350 -20.04 18.24 -13.77
CA ALA B 350 -21.22 19.08 -14.00
C ALA B 350 -21.19 19.64 -15.43
N ALA B 351 -20.03 20.20 -15.82
CA ALA B 351 -19.84 20.83 -17.13
C ALA B 351 -19.98 19.82 -18.26
N ILE B 352 -19.32 18.67 -18.13
CA ILE B 352 -19.43 17.60 -19.11
C ILE B 352 -20.90 17.22 -19.32
N ASP B 353 -21.64 17.14 -18.21
CA ASP B 353 -23.03 16.68 -18.22
C ASP B 353 -23.89 17.67 -19.01
N ALA B 354 -23.54 18.96 -18.87
CA ALA B 354 -24.30 20.05 -19.43
C ALA B 354 -24.11 20.11 -20.96
N PHE B 355 -22.86 19.93 -21.40
CA PHE B 355 -22.49 19.89 -22.80
C PHE B 355 -23.07 18.65 -23.46
N GLU B 356 -23.00 17.52 -22.75
CA GLU B 356 -23.43 16.24 -23.32
C GLU B 356 -24.96 16.19 -23.43
N ALA B 357 -25.66 16.93 -22.54
CA ALA B 357 -27.09 17.14 -22.63
C ALA B 357 -27.39 18.05 -23.82
N HIS B 358 -26.72 19.21 -23.85
CA HIS B 358 -26.83 20.19 -24.93
C HIS B 358 -26.60 19.55 -26.29
N ARG B 359 -25.62 18.63 -26.35
CA ARG B 359 -25.31 17.89 -27.57
C ARG B 359 -26.48 16.99 -28.01
N GLU B 360 -27.15 16.33 -27.05
CA GLU B 360 -28.19 15.34 -27.34
C GLU B 360 -29.44 16.05 -27.87
N ALA B 361 -29.60 17.32 -27.45
CA ALA B 361 -30.81 18.09 -27.66
C ALA B 361 -30.70 19.01 -28.87
N ASN B 362 -29.46 19.33 -29.28
CA ASN B 362 -29.25 20.23 -30.38
C ASN B 362 -28.60 19.46 -31.53
N LYS B 363 -29.22 19.56 -32.72
CA LYS B 363 -28.85 18.80 -33.90
C LYS B 363 -27.77 19.51 -34.71
N GLY B 364 -26.77 18.74 -35.16
CA GLY B 364 -25.72 19.21 -36.06
C GLY B 364 -24.83 20.24 -35.38
N ALA B 365 -24.47 21.29 -36.14
CA ALA B 365 -23.48 22.28 -35.74
C ALA B 365 -23.96 23.16 -34.59
N ALA B 366 -25.26 23.06 -34.26
CA ALA B 366 -25.88 23.91 -33.27
C ALA B 366 -25.51 23.45 -31.85
N ALA B 367 -24.94 22.24 -31.74
CA ALA B 367 -24.55 21.68 -30.44
C ALA B 367 -23.20 22.24 -30.03
N ILE B 368 -22.93 22.33 -28.71
CA ILE B 368 -21.56 22.42 -28.21
C ILE B 368 -21.01 21.00 -28.08
N TRP B 369 -19.77 20.83 -28.55
CA TRP B 369 -19.10 19.55 -28.59
C TRP B 369 -17.91 19.60 -27.64
N TYR B 370 -17.96 18.71 -26.63
CA TYR B 370 -16.86 18.51 -25.69
C TYR B 370 -16.13 17.22 -26.03
N ALA B 371 -14.79 17.31 -26.08
CA ALA B 371 -13.91 16.17 -26.10
C ALA B 371 -13.30 15.94 -24.73
N PRO B 372 -13.10 14.68 -24.30
CA PRO B 372 -12.42 14.37 -23.03
C PRO B 372 -10.91 14.50 -23.06
N GLY B 373 -10.33 14.67 -21.85
CA GLY B 373 -8.89 14.78 -21.70
C GLY B 373 -8.18 13.52 -22.19
N LYS B 374 -8.84 12.38 -22.09
CA LYS B 374 -8.18 11.12 -22.44
C LYS B 374 -7.99 11.06 -23.96
N ALA B 375 -8.59 12.01 -24.71
CA ALA B 375 -8.39 12.12 -26.14
C ALA B 375 -7.81 13.49 -26.51
N ALA B 376 -8.36 14.60 -26.01
CA ALA B 376 -7.92 15.91 -26.52
C ALA B 376 -6.57 16.36 -25.94
N ASN B 377 -6.24 16.06 -24.67
CA ASN B 377 -4.98 16.57 -24.10
C ASN B 377 -3.91 15.48 -24.00
N ALA B 378 -3.97 14.49 -24.91
CA ALA B 378 -2.97 13.45 -25.03
C ALA B 378 -1.66 13.95 -25.63
N GLY B 379 -1.61 15.17 -26.17
CA GLY B 379 -0.45 15.66 -26.91
C GLY B 379 0.85 15.51 -26.14
N GLY B 380 0.82 15.71 -24.82
CA GLY B 380 2.03 15.66 -24.01
C GLY B 380 2.46 14.23 -23.73
N VAL B 381 1.51 13.31 -23.57
CA VAL B 381 1.85 11.93 -23.26
C VAL B 381 2.31 11.27 -24.56
N ALA B 382 1.80 11.79 -25.69
CA ALA B 382 2.21 11.36 -27.03
C ALA B 382 3.69 11.62 -27.26
N VAL B 383 4.11 12.80 -26.79
CA VAL B 383 5.45 13.27 -27.05
C VAL B 383 6.38 12.58 -26.05
N SER B 384 5.84 12.27 -24.87
CA SER B 384 6.55 11.43 -23.92
C SER B 384 6.90 10.14 -24.65
N GLY B 385 5.90 9.61 -25.37
CA GLY B 385 6.02 8.40 -26.18
C GLY B 385 7.17 8.49 -27.19
N LEU B 386 7.25 9.66 -27.88
CA LEU B 386 8.26 9.96 -28.90
C LEU B 386 9.61 10.33 -28.30
N GLU B 387 9.63 10.80 -27.06
CA GLU B 387 10.89 10.97 -26.35
C GLU B 387 11.47 9.58 -26.07
N MET B 388 10.59 8.67 -25.62
CA MET B 388 10.95 7.26 -25.48
C MET B 388 11.52 6.73 -26.80
N ALA B 389 10.77 6.90 -27.90
CA ALA B 389 11.16 6.42 -29.21
C ALA B 389 12.51 6.99 -29.64
N GLN B 390 12.76 8.26 -29.32
CA GLN B 390 14.00 8.89 -29.70
C GLN B 390 15.18 8.30 -28.91
N ASN B 391 15.01 8.17 -27.59
CA ASN B 391 16.05 7.61 -26.74
C ASN B 391 16.49 6.27 -27.31
N SER B 392 15.52 5.45 -27.71
CA SER B 392 15.75 4.09 -28.14
C SER B 392 16.50 4.07 -29.48
N ALA B 393 15.99 4.79 -30.49
CA ALA B 393 16.66 5.13 -31.75
C ALA B 393 18.10 5.63 -31.57
N ARG B 394 18.37 6.28 -30.42
CA ARG B 394 19.61 6.97 -30.15
C ARG B 394 19.71 8.18 -31.07
N LEU B 395 18.66 9.02 -31.12
CA LEU B 395 18.62 10.14 -32.06
C LEU B 395 17.75 11.25 -31.52
N SER B 396 18.07 12.50 -31.89
CA SER B 396 17.15 13.61 -31.71
C SER B 396 16.56 14.01 -33.06
N TRP B 397 15.26 13.76 -33.20
CA TRP B 397 14.45 14.22 -34.32
C TRP B 397 14.27 15.75 -34.32
N THR B 398 14.09 16.31 -35.53
CA THR B 398 13.77 17.72 -35.71
C THR B 398 12.38 18.03 -35.17
N ALA B 399 12.08 19.32 -34.99
CA ALA B 399 10.78 19.76 -34.52
C ALA B 399 9.72 19.35 -35.54
N GLU B 400 10.08 19.37 -36.82
CA GLU B 400 9.16 19.00 -37.89
C GLU B 400 8.70 17.56 -37.68
N GLU B 401 9.69 16.66 -37.52
CA GLU B 401 9.53 15.23 -37.28
C GLU B 401 8.50 14.98 -36.16
N VAL B 402 8.71 15.60 -35.00
CA VAL B 402 7.91 15.27 -33.83
C VAL B 402 6.48 15.78 -33.99
N ASP B 403 6.33 17.05 -34.45
CA ASP B 403 5.06 17.74 -34.65
C ASP B 403 4.23 17.00 -35.71
N ALA B 404 4.92 16.46 -36.71
CA ALA B 404 4.31 15.67 -37.76
C ALA B 404 3.66 14.43 -37.19
N ARG B 405 4.43 13.69 -36.39
CA ARG B 405 3.93 12.49 -35.76
C ARG B 405 2.83 12.80 -34.76
N LEU B 406 3.01 13.89 -34.00
CA LEU B 406 1.96 14.36 -33.09
C LEU B 406 0.66 14.59 -33.88
N LYS B 407 0.75 15.27 -35.03
CA LYS B 407 -0.38 15.56 -35.91
C LYS B 407 -1.08 14.28 -36.36
N ASP B 408 -0.33 13.28 -36.81
N ASP B 408 -0.28 13.31 -36.81
CA ASP B 408 -0.96 12.03 -37.21
CA ASP B 408 -0.73 11.98 -37.21
C ASP B 408 -1.61 11.37 -35.99
C ASP B 408 -1.48 11.30 -36.05
N ILE B 409 -0.96 11.47 -34.82
CA ILE B 409 -1.43 10.80 -33.62
C ILE B 409 -2.74 11.38 -33.12
N MET B 410 -2.92 12.71 -33.23
CA MET B 410 -4.13 13.38 -32.75
C MET B 410 -5.30 13.18 -33.72
N LYS B 411 -5.05 13.05 -35.02
CA LYS B 411 -6.12 12.85 -36.01
C LYS B 411 -6.71 11.47 -35.78
N SER B 412 -5.82 10.50 -35.55
CA SER B 412 -6.20 9.10 -35.41
C SER B 412 -6.95 8.90 -34.10
N CYS B 413 -6.60 9.72 -33.11
CA CYS B 413 -7.33 9.70 -31.85
C CYS B 413 -8.78 10.09 -32.12
N PHE B 414 -8.98 11.34 -32.54
CA PHE B 414 -10.29 11.87 -32.88
C PHE B 414 -11.10 10.81 -33.64
N GLN B 415 -10.54 10.28 -34.74
CA GLN B 415 -11.27 9.37 -35.60
C GLN B 415 -11.73 8.15 -34.78
N ASN B 416 -10.87 7.65 -33.88
CA ASN B 416 -11.14 6.43 -33.13
C ASN B 416 -12.32 6.61 -32.19
N GLY B 417 -12.47 7.80 -31.63
CA GLY B 417 -13.59 8.09 -30.76
C GLY B 417 -14.88 8.28 -31.56
N LEU B 418 -14.78 9.05 -32.65
CA LEU B 418 -15.89 9.26 -33.59
C LEU B 418 -16.50 7.89 -33.98
N ASP B 419 -15.72 7.08 -34.73
CA ASP B 419 -16.15 5.84 -35.34
C ASP B 419 -16.63 4.81 -34.31
N THR B 420 -16.00 4.81 -33.11
CA THR B 420 -16.42 3.91 -32.05
C THR B 420 -17.82 4.34 -31.59
N ALA B 421 -17.95 5.59 -31.17
CA ALA B 421 -19.22 6.14 -30.74
C ALA B 421 -20.31 5.86 -31.79
N LYS B 422 -19.95 5.91 -33.08
CA LYS B 422 -20.90 5.65 -34.16
C LYS B 422 -21.26 4.17 -34.22
N GLU B 423 -20.46 3.31 -33.57
CA GLU B 423 -20.75 1.89 -33.53
C GLU B 423 -21.57 1.55 -32.30
N TYR B 424 -21.17 2.08 -31.14
CA TYR B 424 -21.67 1.61 -29.85
C TYR B 424 -22.63 2.60 -29.17
N ALA B 425 -22.41 3.92 -29.35
CA ALA B 425 -23.29 4.98 -28.88
C ALA B 425 -23.94 5.72 -30.06
N THR B 426 -24.29 4.95 -31.11
CA THR B 426 -24.86 5.41 -32.35
C THR B 426 -25.88 6.52 -32.06
N PRO B 427 -25.60 7.79 -32.46
CA PRO B 427 -26.51 8.91 -32.23
C PRO B 427 -27.75 8.93 -33.13
N ALA B 428 -28.69 9.82 -32.82
CA ALA B 428 -29.88 10.04 -33.61
C ALA B 428 -29.57 10.93 -34.82
N ASP B 429 -30.40 10.82 -35.87
CA ASP B 429 -30.30 11.63 -37.09
C ASP B 429 -29.77 13.03 -36.75
N GLY B 430 -28.59 13.34 -37.29
CA GLY B 430 -27.99 14.68 -37.25
C GLY B 430 -27.38 15.05 -35.90
N ILE B 431 -27.48 14.18 -34.89
CA ILE B 431 -26.77 14.34 -33.62
C ILE B 431 -25.29 13.99 -33.81
N LEU B 432 -24.42 14.86 -33.24
CA LEU B 432 -22.97 14.68 -33.16
C LEU B 432 -22.61 13.55 -32.21
N PRO B 433 -21.87 12.51 -32.67
CA PRO B 433 -21.54 11.37 -31.82
C PRO B 433 -20.78 11.79 -30.56
N SER B 434 -20.84 10.94 -29.52
CA SER B 434 -20.18 11.25 -28.25
C SER B 434 -18.70 10.91 -28.32
N LEU B 435 -17.84 11.94 -28.21
CA LEU B 435 -16.39 11.78 -28.10
C LEU B 435 -16.01 11.43 -26.66
N VAL B 436 -16.88 11.72 -25.68
CA VAL B 436 -16.72 11.16 -24.34
C VAL B 436 -16.88 9.63 -24.43
N THR B 437 -18.08 9.12 -24.75
CA THR B 437 -18.32 7.69 -24.76
C THR B 437 -17.41 7.02 -25.80
N GLY B 438 -17.43 7.54 -27.03
CA GLY B 438 -16.56 7.07 -28.12
C GLY B 438 -15.13 6.82 -27.65
N SER B 439 -14.56 7.78 -26.90
CA SER B 439 -13.18 7.69 -26.47
C SER B 439 -13.05 6.70 -25.31
N ASN B 440 -13.97 6.81 -24.34
CA ASN B 440 -14.02 5.88 -23.23
C ASN B 440 -13.99 4.45 -23.76
N ILE B 441 -14.99 4.09 -24.58
CA ILE B 441 -15.10 2.75 -25.15
C ILE B 441 -13.77 2.40 -25.81
N ALA B 442 -13.19 3.32 -26.60
CA ALA B 442 -12.06 3.00 -27.45
C ALA B 442 -10.83 2.62 -26.60
N GLY B 443 -10.65 3.28 -25.46
CA GLY B 443 -9.51 2.97 -24.59
C GLY B 443 -9.72 1.67 -23.80
N PHE B 444 -10.93 1.51 -23.31
CA PHE B 444 -11.29 0.25 -22.70
C PHE B 444 -11.15 -0.92 -23.68
N THR B 445 -11.60 -0.78 -24.91
CA THR B 445 -11.63 -1.95 -25.79
C THR B 445 -10.22 -2.31 -26.28
N LYS B 446 -9.34 -1.33 -26.50
CA LYS B 446 -8.00 -1.66 -26.99
C LYS B 446 -7.26 -2.39 -25.87
N VAL B 447 -7.43 -1.92 -24.62
CA VAL B 447 -6.67 -2.44 -23.49
C VAL B 447 -7.23 -3.80 -23.12
N ALA B 448 -8.57 -3.84 -22.97
CA ALA B 448 -9.29 -5.06 -22.61
C ALA B 448 -8.98 -6.17 -23.60
N ALA B 449 -8.80 -5.85 -24.89
CA ALA B 449 -8.61 -6.86 -25.92
C ALA B 449 -7.21 -7.46 -25.77
N ALA B 450 -6.21 -6.59 -25.71
CA ALA B 450 -4.82 -6.97 -25.52
C ALA B 450 -4.65 -7.84 -24.26
N MET B 451 -5.41 -7.51 -23.20
CA MET B 451 -5.40 -8.27 -21.95
C MET B 451 -5.91 -9.68 -22.19
N LYS B 452 -6.99 -9.81 -22.99
CA LYS B 452 -7.51 -11.11 -23.41
C LYS B 452 -6.46 -11.81 -24.26
N ASP B 453 -5.91 -11.11 -25.23
CA ASP B 453 -4.91 -11.69 -26.11
C ASP B 453 -3.77 -12.31 -25.28
N GLN B 454 -3.36 -11.57 -24.23
CA GLN B 454 -2.25 -11.96 -23.35
C GLN B 454 -2.66 -12.79 -22.13
N GLY B 455 -3.97 -13.03 -21.94
CA GLY B 455 -4.49 -13.98 -20.96
C GLY B 455 -4.54 -13.44 -19.53
N ASP B 456 -4.86 -12.14 -19.38
CA ASP B 456 -4.97 -11.50 -18.08
C ASP B 456 -6.35 -11.74 -17.52
N TRP B 457 -7.32 -11.92 -18.44
CA TRP B 457 -8.65 -12.46 -18.14
C TRP B 457 -9.03 -13.45 -19.24
N TRP B 458 -10.07 -14.24 -18.93
CA TRP B 458 -10.72 -15.15 -19.88
C TRP B 458 -12.22 -15.25 -19.51
CL CL C . 16.32 -28.62 26.82
CL CL D . 3.42 -15.31 11.71
CL CL E . -12.45 -0.85 -5.78
CL CL F . 4.40 18.24 -21.56
CL CL G . 12.29 -5.72 -7.39
#